data_8S9R
#
_entry.id   8S9R
#
_cell.length_a   129.146
_cell.length_b   129.146
_cell.length_c   251.791
_cell.angle_alpha   90.00
_cell.angle_beta   90.00
_cell.angle_gamma   90.00
#
_symmetry.space_group_name_H-M   'P 41 2 2'
#
loop_
_entity.id
_entity.type
_entity.pdbx_description
1 polymer 'Lipase 2'
2 non-polymer 'ZINC ION'
3 non-polymer 'PHOSPHATE ION'
4 non-polymer 'CALCIUM ION'
5 water water
#
_entity_poly.entity_id   1
_entity_poly.type   'polypeptide(L)'
_entity_poly.pdbx_seq_one_letter_code
;GPGKANQVQPLNKYPVVFVHGFLGLVGDNAPALYPNYWGGNKFKVIEELRKQGYNVHQASVSAFGSNYDRAVELYYYIKG
GRVDYGAAHAAKYGHERYGKTYKGIMPNWEPGKKVHLVGHSMGGQTIRLMEEFLRNGNKEEIAYHKAHGGEISPLFTGGH
NNMVASITTLATPHNGSQAADKFGNTEAVRKIMFALNRFMGNKYSNIDLGLTQWGFKQLPNESYIDYIKRVSKSKIWTSD
DNAAYDLTLDGSAKLNNMTSMNPNITYTTYTGVSSHTGPLGYENPDLGTFFLMATTSRIIGHDAREEWRKNDGVVPVISS
LHPSNQPFVNVTNDEPATRRGIWQVKPIIQGWDHVDFIGVDFLDFKRKGAELANFYTGIINDLLRVEATESKGTQLKAS
;
_entity_poly.pdbx_strand_id   A,B
#
loop_
_chem_comp.id
_chem_comp.type
_chem_comp.name
_chem_comp.formula
CA non-polymer 'CALCIUM ION' 'Ca 2'
PO4 non-polymer 'PHOSPHATE ION' 'O4 P -3'
ZN non-polymer 'ZINC ION' 'Zn 2'
#
# COMPACT_ATOMS: atom_id res chain seq x y z
N GLN A 9 22.91 14.86 -31.31
CA GLN A 9 23.47 15.92 -30.47
C GLN A 9 22.49 16.47 -29.42
N PRO A 10 22.91 16.51 -28.16
CA PRO A 10 21.97 16.84 -27.08
C PRO A 10 21.57 18.30 -27.04
N LEU A 11 20.31 18.53 -26.64
CA LEU A 11 19.77 19.88 -26.55
C LEU A 11 20.39 20.69 -25.40
N ASN A 12 20.83 20.02 -24.33
CA ASN A 12 21.54 20.65 -23.23
C ASN A 12 23.04 20.48 -23.43
N LYS A 13 23.76 21.61 -23.37
CA LYS A 13 25.21 21.59 -23.53
C LYS A 13 25.90 20.85 -22.37
N TYR A 14 25.35 20.92 -21.16
CA TYR A 14 25.93 20.25 -20.00
C TYR A 14 25.01 19.14 -19.50
N PRO A 15 25.54 17.96 -19.22
CA PRO A 15 24.67 16.86 -18.76
C PRO A 15 23.97 17.20 -17.45
N VAL A 16 22.71 16.79 -17.33
CA VAL A 16 21.99 16.89 -16.07
C VAL A 16 22.15 15.59 -15.30
N VAL A 17 22.55 15.69 -14.04
CA VAL A 17 22.76 14.54 -13.16
C VAL A 17 21.76 14.65 -12.03
N PHE A 18 20.83 13.69 -11.96
CA PHE A 18 19.84 13.66 -10.89
C PHE A 18 20.39 12.84 -9.73
N VAL A 19 20.27 13.36 -8.50
CA VAL A 19 20.88 12.71 -7.35
C VAL A 19 19.80 12.41 -6.32
N HIS A 20 19.50 11.13 -6.15
CA HIS A 20 18.51 10.63 -5.20
C HIS A 20 18.93 10.98 -3.77
N GLY A 21 17.99 10.84 -2.85
CA GLY A 21 18.23 11.11 -1.45
C GLY A 21 18.49 9.86 -0.61
N PHE A 22 18.25 10.02 0.69
CA PHE A 22 18.28 8.95 1.68
C PHE A 22 17.33 7.82 1.30
N LEU A 23 17.79 6.57 1.46
CA LEU A 23 17.08 5.33 1.15
C LEU A 23 16.89 5.11 -0.35
N GLY A 24 17.30 6.02 -1.21
CA GLY A 24 17.02 5.87 -2.63
C GLY A 24 17.87 4.80 -3.29
N LEU A 25 17.23 3.96 -4.10
CA LEU A 25 17.92 2.94 -4.88
C LEU A 25 17.52 3.07 -6.34
N VAL A 26 18.52 3.07 -7.24
CA VAL A 26 18.28 3.39 -8.64
C VAL A 26 18.80 2.29 -9.55
N GLY A 27 18.15 2.16 -10.69
CA GLY A 27 18.70 1.35 -11.76
C GLY A 27 18.70 -0.12 -11.40
N ASP A 28 19.85 -0.74 -11.60
CA ASP A 28 19.94 -2.17 -11.41
C ASP A 28 20.08 -2.55 -9.94
N ASN A 29 20.43 -1.57 -9.09
CA ASN A 29 20.60 -1.74 -7.65
C ASN A 29 19.28 -1.71 -6.87
N ALA A 30 18.14 -1.83 -7.53
CA ALA A 30 16.92 -1.85 -6.73
C ALA A 30 16.34 -3.27 -6.67
N PRO A 31 15.62 -3.62 -5.58
CA PRO A 31 15.02 -4.97 -5.48
C PRO A 31 14.17 -5.38 -6.68
N ALA A 32 13.86 -6.69 -6.77
CA ALA A 32 13.22 -7.23 -7.97
C ALA A 32 11.89 -6.54 -8.25
N LEU A 33 11.14 -6.17 -7.20
CA LEU A 33 9.96 -5.32 -7.33
C LEU A 33 10.16 -4.13 -6.41
N TYR A 34 10.12 -2.94 -6.96
CA TYR A 34 10.48 -1.72 -6.22
C TYR A 34 10.18 -0.52 -7.11
N PRO A 35 9.66 0.58 -6.57
CA PRO A 35 9.29 1.70 -7.44
C PRO A 35 10.52 2.34 -8.07
N ASN A 36 10.29 2.98 -9.20
CA ASN A 36 11.36 3.65 -9.93
C ASN A 36 11.53 5.06 -9.38
N TYR A 37 12.74 5.36 -8.87
CA TYR A 37 12.93 6.54 -8.01
C TYR A 37 12.56 7.84 -8.71
N TRP A 38 13.14 8.07 -9.89
CA TRP A 38 12.94 9.33 -10.61
C TRP A 38 11.72 9.22 -11.51
N GLY A 39 10.55 9.39 -10.90
CA GLY A 39 9.32 9.57 -11.62
C GLY A 39 8.27 8.51 -11.39
N GLY A 40 8.55 7.46 -10.62
CA GLY A 40 7.60 6.37 -10.46
C GLY A 40 7.14 5.85 -11.81
N ASN A 41 5.83 5.60 -11.91
CA ASN A 41 5.18 5.30 -13.18
C ASN A 41 4.49 6.52 -13.79
N LYS A 42 4.64 7.69 -13.16
CA LYS A 42 3.92 8.90 -13.54
C LYS A 42 4.67 9.69 -14.60
N PHE A 43 5.98 9.81 -14.49
CA PHE A 43 6.78 10.48 -15.52
C PHE A 43 8.20 9.94 -15.37
N LYS A 44 8.60 9.05 -16.27
CA LYS A 44 9.89 8.40 -16.20
C LYS A 44 10.96 9.42 -16.62
N VAL A 45 11.59 10.06 -15.63
CA VAL A 45 12.38 11.26 -15.88
C VAL A 45 13.49 10.98 -16.89
N ILE A 46 14.37 10.02 -16.58
CA ILE A 46 15.48 9.68 -17.48
C ILE A 46 14.97 9.24 -18.85
N GLU A 47 14.02 8.29 -18.88
CA GLU A 47 13.51 7.81 -20.16
C GLU A 47 12.92 8.94 -20.99
N GLU A 48 11.99 9.70 -20.40
CA GLU A 48 11.23 10.70 -21.15
C GLU A 48 12.08 11.90 -21.53
N LEU A 49 12.98 12.34 -20.64
CA LEU A 49 13.87 13.46 -20.99
C LEU A 49 14.86 13.06 -22.08
N ARG A 50 15.33 11.81 -22.08
CA ARG A 50 16.16 11.33 -23.18
C ARG A 50 15.38 11.31 -24.49
N LYS A 51 14.13 10.84 -24.45
CA LYS A 51 13.31 10.81 -25.65
C LYS A 51 13.13 12.20 -26.25
N GLN A 52 13.16 13.23 -25.40
CA GLN A 52 12.97 14.60 -25.88
C GLN A 52 14.25 15.24 -26.39
N GLY A 53 15.39 14.58 -26.27
CA GLY A 53 16.65 15.11 -26.75
C GLY A 53 17.60 15.64 -25.69
N TYR A 54 17.35 15.37 -24.42
CA TYR A 54 18.19 15.88 -23.35
C TYR A 54 19.12 14.79 -22.83
N ASN A 55 20.36 15.17 -22.53
CA ASN A 55 21.35 14.28 -21.94
C ASN A 55 21.21 14.32 -20.42
N VAL A 56 20.56 13.31 -19.83
CA VAL A 56 20.34 13.27 -18.39
C VAL A 56 20.79 11.92 -17.83
N HIS A 57 21.12 11.89 -16.53
CA HIS A 57 21.60 10.68 -15.87
C HIS A 57 21.09 10.58 -14.44
N GLN A 58 21.15 9.36 -13.93
CA GLN A 58 20.68 8.99 -12.60
C GLN A 58 21.90 8.60 -11.78
N ALA A 59 22.37 9.45 -10.90
CA ALA A 59 23.49 9.02 -10.08
C ALA A 59 23.06 7.90 -9.14
N SER A 60 24.00 7.04 -8.81
CA SER A 60 23.78 5.95 -7.87
C SER A 60 24.83 6.05 -6.78
N VAL A 61 24.41 6.45 -5.58
CA VAL A 61 25.31 6.64 -4.44
C VAL A 61 24.67 6.03 -3.21
N SER A 62 25.41 6.04 -2.10
CA SER A 62 25.03 5.29 -0.91
C SER A 62 23.68 5.73 -0.35
N ALA A 63 22.79 4.76 -0.12
CA ALA A 63 21.45 5.09 0.39
C ALA A 63 21.45 5.48 1.87
N PHE A 64 22.39 4.98 2.65
CA PHE A 64 22.38 5.14 4.09
C PHE A 64 23.63 5.85 4.60
N GLY A 65 24.57 6.17 3.73
CA GLY A 65 25.80 6.76 4.18
C GLY A 65 25.69 8.24 4.40
N SER A 66 26.76 8.79 4.95
CA SER A 66 26.85 10.21 5.24
C SER A 66 26.86 11.02 3.96
N ASN A 67 26.59 12.30 4.10
CA ASN A 67 26.76 13.23 2.99
C ASN A 67 28.19 13.23 2.49
N TYR A 68 29.17 13.16 3.40
CA TYR A 68 30.56 13.06 2.97
C TYR A 68 30.77 11.83 2.08
N ASP A 69 30.41 10.63 2.57
CA ASP A 69 30.63 9.43 1.77
C ASP A 69 29.86 9.49 0.47
N ARG A 70 28.65 10.07 0.49
CA ARG A 70 27.85 10.16 -0.74
C ARG A 70 28.46 11.16 -1.72
N ALA A 71 29.05 12.25 -1.22
CA ALA A 71 29.58 13.27 -2.11
C ALA A 71 30.80 12.74 -2.85
N VAL A 72 31.67 12.02 -2.13
CA VAL A 72 32.80 11.35 -2.77
C VAL A 72 32.29 10.40 -3.86
N GLU A 73 31.30 9.56 -3.52
CA GLU A 73 30.79 8.59 -4.49
C GLU A 73 30.20 9.28 -5.70
N LEU A 74 29.48 10.39 -5.49
CA LEU A 74 28.90 11.13 -6.62
C LEU A 74 29.99 11.58 -7.57
N TYR A 75 31.11 12.08 -7.03
CA TYR A 75 32.22 12.50 -7.89
C TYR A 75 32.73 11.34 -8.73
N TYR A 76 32.86 10.15 -8.15
CA TYR A 76 33.35 9.05 -8.96
C TYR A 76 32.27 8.52 -9.88
N TYR A 77 30.99 8.63 -9.52
CA TYR A 77 29.94 8.33 -10.48
C TYR A 77 30.09 9.18 -11.74
N ILE A 78 30.43 10.46 -11.59
CA ILE A 78 30.54 11.31 -12.77
C ILE A 78 31.89 11.10 -13.47
N LYS A 79 32.98 11.16 -12.73
CA LYS A 79 34.33 11.15 -13.31
C LYS A 79 34.78 9.75 -13.70
N GLY A 80 34.40 8.74 -12.94
CA GLY A 80 34.96 7.42 -13.13
C GLY A 80 36.05 7.10 -12.11
N GLY A 81 36.17 5.84 -11.77
CA GLY A 81 37.31 5.37 -11.00
C GLY A 81 36.92 4.78 -9.66
N ARG A 82 37.95 4.40 -8.92
CA ARG A 82 37.82 3.80 -7.59
C ARG A 82 37.57 4.88 -6.52
N VAL A 83 36.48 4.74 -5.78
CA VAL A 83 36.13 5.67 -4.71
C VAL A 83 37.26 5.74 -3.68
N ASP A 84 37.69 6.97 -3.35
CA ASP A 84 38.70 7.22 -2.32
C ASP A 84 38.08 8.18 -1.30
N TYR A 85 37.68 7.64 -0.16
CA TYR A 85 37.07 8.42 0.91
C TYR A 85 38.08 9.32 1.63
N GLY A 86 39.37 9.12 1.40
CA GLY A 86 40.40 9.87 2.10
C GLY A 86 41.02 9.07 3.23
N ALA A 87 42.35 9.03 3.30
CA ALA A 87 43.01 8.33 4.40
C ALA A 87 42.67 8.96 5.75
N ALA A 88 42.57 10.29 5.80
CA ALA A 88 42.28 10.94 7.09
C ALA A 88 40.87 10.63 7.56
N HIS A 89 39.88 10.75 6.66
CA HIS A 89 38.49 10.44 7.01
C HIS A 89 38.35 8.98 7.44
N ALA A 90 38.93 8.06 6.66
CA ALA A 90 38.86 6.62 6.97
C ALA A 90 39.47 6.32 8.33
N ALA A 91 40.60 6.94 8.66
CA ALA A 91 41.18 6.70 9.97
C ALA A 91 40.36 7.34 11.09
N LYS A 92 39.73 8.48 10.83
CA LYS A 92 38.96 9.14 11.87
C LYS A 92 37.69 8.36 12.21
N TYR A 93 36.91 7.94 11.21
CA TYR A 93 35.62 7.32 11.49
C TYR A 93 35.68 5.80 11.49
N GLY A 94 36.77 5.20 11.03
CA GLY A 94 36.94 3.76 11.18
C GLY A 94 36.29 2.94 10.10
N HIS A 95 36.27 3.40 8.86
CA HIS A 95 35.80 2.58 7.78
C HIS A 95 36.85 2.54 6.68
N GLU A 96 36.57 1.80 5.62
CA GLU A 96 37.61 1.56 4.63
C GLU A 96 37.91 2.83 3.84
N ARG A 97 39.13 2.94 3.33
CA ARG A 97 39.48 4.11 2.54
C ARG A 97 38.93 4.01 1.12
N TYR A 98 38.92 2.82 0.53
CA TYR A 98 38.49 2.64 -0.85
C TYR A 98 37.15 1.93 -0.92
N GLY A 99 36.34 2.33 -1.90
CA GLY A 99 35.03 1.73 -2.08
C GLY A 99 34.93 1.15 -3.48
N LYS A 100 33.79 1.36 -4.11
CA LYS A 100 33.56 0.72 -5.40
C LYS A 100 34.25 1.49 -6.51
N THR A 101 34.34 0.85 -7.67
CA THR A 101 34.83 1.44 -8.90
C THR A 101 33.64 1.76 -9.80
N TYR A 102 33.58 2.98 -10.31
CA TYR A 102 32.51 3.40 -11.20
C TYR A 102 33.01 3.47 -12.63
N LYS A 103 32.12 3.21 -13.59
CA LYS A 103 32.52 3.37 -14.97
C LYS A 103 32.76 4.85 -15.31
N GLY A 104 31.96 5.77 -14.73
CA GLY A 104 32.05 7.19 -14.99
C GLY A 104 31.26 7.60 -16.22
N ILE A 105 30.36 8.56 -16.11
CA ILE A 105 29.60 9.00 -17.28
C ILE A 105 30.38 10.05 -18.06
N MET A 106 31.15 10.91 -17.38
CA MET A 106 32.03 11.87 -18.05
C MET A 106 33.46 11.59 -17.61
N PRO A 107 34.12 10.60 -18.20
CA PRO A 107 35.54 10.37 -17.89
C PRO A 107 36.41 11.61 -18.10
N ASN A 108 35.97 12.52 -18.96
CA ASN A 108 36.71 13.73 -19.33
C ASN A 108 36.38 14.92 -18.42
N TRP A 109 35.53 14.74 -17.42
CA TRP A 109 35.13 15.84 -16.55
C TRP A 109 36.35 16.57 -16.01
N GLU A 110 36.32 17.90 -16.13
CA GLU A 110 37.49 18.73 -15.89
C GLU A 110 37.06 20.19 -16.05
N PRO A 111 37.79 21.13 -15.45
CA PRO A 111 37.39 22.55 -15.54
C PRO A 111 37.11 22.95 -16.99
N GLY A 112 35.90 23.41 -17.27
CA GLY A 112 35.46 23.73 -18.62
C GLY A 112 34.33 22.84 -19.11
N LYS A 113 34.22 21.62 -18.62
CA LYS A 113 33.09 20.75 -18.90
C LYS A 113 32.21 20.72 -17.66
N LYS A 114 31.03 21.28 -17.75
CA LYS A 114 30.18 21.40 -16.57
C LYS A 114 29.10 20.32 -16.52
N VAL A 115 28.45 20.23 -15.36
CA VAL A 115 27.24 19.44 -15.19
C VAL A 115 26.20 20.32 -14.51
N HIS A 116 24.94 19.98 -14.71
CA HIS A 116 23.83 20.50 -13.92
C HIS A 116 23.50 19.46 -12.86
N LEU A 117 23.43 19.87 -11.60
CA LEU A 117 23.14 18.94 -10.51
C LEU A 117 21.74 19.19 -9.97
N VAL A 118 20.92 18.14 -9.96
CA VAL A 118 19.55 18.21 -9.45
C VAL A 118 19.41 17.13 -8.39
N GLY A 119 19.18 17.53 -7.15
CA GLY A 119 19.07 16.59 -6.03
C GLY A 119 17.70 16.62 -5.40
N HIS A 120 17.15 15.44 -5.11
CA HIS A 120 15.94 15.33 -4.30
C HIS A 120 16.33 14.99 -2.87
N SER A 121 15.67 15.64 -1.91
CA SER A 121 15.86 15.32 -0.48
C SER A 121 17.34 15.41 -0.15
N MET A 122 17.93 14.41 0.54
CA MET A 122 19.35 14.43 0.88
C MET A 122 20.24 14.65 -0.34
N GLY A 123 19.76 14.27 -1.52
CA GLY A 123 20.54 14.53 -2.72
C GLY A 123 20.96 15.99 -2.84
N GLY A 124 20.07 16.91 -2.41
CA GLY A 124 20.41 18.31 -2.39
C GLY A 124 21.64 18.64 -1.56
N GLN A 125 21.77 18.01 -0.39
CA GLN A 125 22.94 18.26 0.43
C GLN A 125 24.19 17.60 -0.17
N THR A 126 24.08 16.37 -0.67
CA THR A 126 25.22 15.69 -1.28
C THR A 126 25.83 16.53 -2.40
N ILE A 127 24.98 17.06 -3.27
CA ILE A 127 25.44 17.91 -4.37
C ILE A 127 26.20 19.14 -3.84
N ARG A 128 25.74 19.74 -2.74
CA ARG A 128 26.45 20.88 -2.20
C ARG A 128 27.85 20.49 -1.74
N LEU A 129 27.96 19.38 -0.99
CA LEU A 129 29.24 18.98 -0.43
C LEU A 129 30.23 18.60 -1.52
N MET A 130 29.77 18.02 -2.63
CA MET A 130 30.74 17.65 -3.66
C MET A 130 31.34 18.89 -4.29
N GLU A 131 30.54 19.93 -4.49
CA GLU A 131 31.08 21.17 -5.05
C GLU A 131 32.06 21.84 -4.08
N GLU A 132 31.79 21.76 -2.76
CA GLU A 132 32.76 22.30 -1.82
C GLU A 132 34.12 21.61 -1.99
N PHE A 133 34.10 20.28 -2.19
CA PHE A 133 35.33 19.52 -2.41
C PHE A 133 36.08 20.04 -3.64
N LEU A 134 35.37 20.22 -4.75
CA LEU A 134 36.03 20.61 -5.99
C LEU A 134 36.71 21.96 -5.84
N ARG A 135 35.99 22.93 -5.25
CA ARG A 135 36.48 24.30 -5.12
C ARG A 135 37.55 24.41 -4.03
N ASN A 136 37.29 23.83 -2.85
CA ASN A 136 38.13 24.08 -1.69
C ASN A 136 38.88 22.87 -1.16
N GLY A 137 38.63 21.67 -1.68
CA GLY A 137 39.30 20.50 -1.17
C GLY A 137 38.73 20.11 0.17
N ASN A 138 39.44 19.23 0.84
CA ASN A 138 39.11 18.82 2.21
C ASN A 138 40.34 19.06 3.06
N LYS A 139 40.25 20.05 3.95
CA LYS A 139 41.39 20.48 4.77
C LYS A 139 42.08 19.29 5.47
N GLU A 140 41.30 18.35 6.02
CA GLU A 140 41.92 17.28 6.81
C GLU A 140 42.71 16.30 5.93
N GLU A 141 42.22 16.04 4.70
CA GLU A 141 42.97 15.21 3.77
C GLU A 141 44.24 15.92 3.27
N ILE A 142 44.14 17.22 2.97
CA ILE A 142 45.32 17.98 2.56
C ILE A 142 46.40 17.89 3.64
N ALA A 143 46.01 18.09 4.90
CA ALA A 143 46.98 18.07 6.00
C ALA A 143 47.56 16.67 6.19
N TYR A 144 46.73 15.64 6.01
CA TYR A 144 47.22 14.26 6.13
C TYR A 144 48.28 13.96 5.07
N HIS A 145 48.00 14.35 3.82
CA HIS A 145 48.95 14.16 2.73
C HIS A 145 50.24 14.96 2.98
N LYS A 146 50.15 16.18 3.52
CA LYS A 146 51.37 16.95 3.79
C LYS A 146 52.21 16.27 4.86
N ALA A 147 51.58 15.64 5.84
CA ALA A 147 52.34 15.07 6.95
C ALA A 147 52.82 13.65 6.69
N HIS A 148 52.10 12.86 5.90
CA HIS A 148 52.45 11.45 5.71
C HIS A 148 52.81 11.07 4.30
N GLY A 149 52.52 11.90 3.31
CA GLY A 149 52.89 11.57 1.96
C GLY A 149 51.81 10.80 1.24
N GLY A 150 52.20 9.81 0.44
CA GLY A 150 51.22 9.05 -0.28
C GLY A 150 50.47 9.89 -1.32
N GLU A 151 49.39 9.30 -1.80
CA GLU A 151 48.57 9.90 -2.85
C GLU A 151 47.35 10.57 -2.23
N ILE A 152 46.94 11.71 -2.77
CA ILE A 152 45.72 12.38 -2.36
C ILE A 152 44.80 12.48 -3.57
N SER A 153 43.57 12.01 -3.41
CA SER A 153 42.59 12.14 -4.48
C SER A 153 42.50 13.59 -4.94
N PRO A 154 42.43 13.85 -6.24
CA PRO A 154 42.23 15.25 -6.70
C PRO A 154 40.92 15.85 -6.26
N LEU A 155 39.95 15.03 -5.86
CA LEU A 155 38.71 15.58 -5.32
C LEU A 155 38.97 16.41 -4.08
N PHE A 156 40.04 16.12 -3.34
CA PHE A 156 40.29 16.69 -2.02
C PHE A 156 41.35 17.79 -2.04
N THR A 157 41.87 18.13 -3.21
CA THR A 157 42.93 19.12 -3.34
C THR A 157 42.41 20.55 -3.35
N GLY A 158 41.21 20.77 -3.87
CA GLY A 158 40.71 22.11 -4.14
C GLY A 158 41.31 22.71 -5.40
N GLY A 159 40.68 23.81 -5.84
CA GLY A 159 41.08 24.51 -7.04
C GLY A 159 40.45 24.05 -8.34
N HIS A 160 39.33 23.31 -8.31
CA HIS A 160 38.75 22.74 -9.53
C HIS A 160 37.38 23.36 -9.76
N ASN A 161 37.33 24.38 -10.62
CA ASN A 161 36.13 25.19 -10.77
C ASN A 161 35.62 25.11 -12.20
N ASN A 162 34.51 25.82 -12.47
CA ASN A 162 33.89 25.69 -13.80
C ASN A 162 33.56 24.24 -14.15
N MET A 163 33.15 23.46 -13.14
CA MET A 163 32.71 22.10 -13.37
C MET A 163 31.24 21.89 -13.05
N VAL A 164 30.62 22.82 -12.32
CA VAL A 164 29.22 22.75 -11.94
C VAL A 164 28.54 24.02 -12.42
N ALA A 165 27.50 23.88 -13.23
CA ALA A 165 26.78 25.01 -13.79
C ALA A 165 25.58 25.41 -12.95
N SER A 166 24.97 24.47 -12.23
CA SER A 166 23.79 24.79 -11.44
C SER A 166 23.60 23.74 -10.34
N ILE A 167 22.93 24.15 -9.27
CA ILE A 167 22.55 23.28 -8.17
C ILE A 167 21.08 23.52 -7.91
N THR A 168 20.26 22.49 -8.04
CA THR A 168 18.82 22.56 -7.88
C THR A 168 18.40 21.52 -6.86
N THR A 169 17.71 21.95 -5.81
CA THR A 169 17.32 21.03 -4.74
C THR A 169 15.80 20.96 -4.71
N LEU A 170 15.28 19.75 -4.50
CA LEU A 170 13.85 19.50 -4.41
C LEU A 170 13.56 18.88 -3.07
N ALA A 171 12.88 19.61 -2.18
CA ALA A 171 12.47 19.10 -0.88
C ALA A 171 13.67 18.67 -0.04
N THR A 172 14.80 19.37 -0.22
CA THR A 172 16.06 19.06 0.45
C THR A 172 16.06 19.59 1.88
N PRO A 173 16.36 18.76 2.87
CA PRO A 173 16.41 19.28 4.26
C PRO A 173 17.70 20.02 4.55
N HIS A 174 17.86 21.18 3.91
CA HIS A 174 19.07 21.99 4.09
C HIS A 174 19.35 22.28 5.56
N ASN A 175 18.31 22.40 6.38
CA ASN A 175 18.45 22.76 7.78
C ASN A 175 18.07 21.60 8.71
N GLY A 176 18.01 20.38 8.16
CA GLY A 176 17.70 19.21 8.95
C GLY A 176 16.21 18.92 8.99
N SER A 177 15.85 17.91 9.78
CA SER A 177 14.45 17.58 9.97
C SER A 177 14.28 16.94 11.34
N GLN A 178 13.20 17.34 12.03
CA GLN A 178 12.94 16.74 13.33
C GLN A 178 12.62 15.25 13.20
N ALA A 179 12.27 14.79 11.99
CA ALA A 179 12.02 13.38 11.75
C ALA A 179 13.28 12.55 11.94
N ALA A 180 14.45 13.16 11.72
CA ALA A 180 15.70 12.50 12.07
C ALA A 180 16.00 12.65 13.57
N ASP A 181 15.96 13.89 14.12
CA ASP A 181 16.32 14.03 15.54
C ASP A 181 15.47 13.15 16.44
N LYS A 182 14.16 13.11 16.21
CA LYS A 182 13.25 12.46 17.15
C LYS A 182 12.90 11.03 16.78
N PHE A 183 13.47 10.50 15.68
CA PHE A 183 13.10 9.17 15.23
C PHE A 183 14.26 8.51 14.46
N GLY A 184 14.58 9.03 13.27
CA GLY A 184 15.53 8.37 12.40
C GLY A 184 16.92 8.20 12.99
N ASN A 185 17.38 9.16 13.77
CA ASN A 185 18.69 9.08 14.38
C ASN A 185 18.65 8.51 15.80
N THR A 186 17.50 8.04 16.27
CA THR A 186 17.48 7.45 17.60
C THR A 186 18.21 6.10 17.62
N GLU A 187 18.63 5.68 18.82
CA GLU A 187 19.39 4.45 18.99
C GLU A 187 18.68 3.25 18.37
N ALA A 188 17.40 3.08 18.71
CA ALA A 188 16.65 1.92 18.24
C ALA A 188 16.51 1.93 16.72
N VAL A 189 16.37 3.10 16.13
CA VAL A 189 16.14 3.13 14.69
C VAL A 189 17.44 2.97 13.94
N ARG A 190 18.55 3.49 14.48
CA ARG A 190 19.84 3.26 13.84
C ARG A 190 20.18 1.78 13.87
N LYS A 191 19.87 1.09 14.97
CA LYS A 191 20.09 -0.35 15.02
C LYS A 191 19.30 -1.08 13.94
N ILE A 192 18.05 -0.70 13.73
CA ILE A 192 17.25 -1.34 12.68
C ILE A 192 17.89 -1.11 11.31
N MET A 193 18.25 0.14 10.99
CA MET A 193 18.87 0.43 9.69
C MET A 193 20.14 -0.37 9.51
N PHE A 194 20.97 -0.42 10.55
CA PHE A 194 22.25 -1.12 10.42
C PHE A 194 22.04 -2.63 10.33
N ALA A 195 21.04 -3.16 11.02
CA ALA A 195 20.70 -4.57 10.85
C ALA A 195 20.27 -4.84 9.40
N LEU A 196 19.44 -3.97 8.83
CA LEU A 196 19.05 -4.15 7.43
C LEU A 196 20.28 -4.17 6.53
N ASN A 197 21.27 -3.33 6.85
CA ASN A 197 22.48 -3.26 6.04
C ASN A 197 23.35 -4.50 6.25
N ARG A 198 23.43 -5.00 7.48
CA ARG A 198 24.13 -6.26 7.70
C ARG A 198 23.50 -7.36 6.87
N PHE A 199 22.18 -7.45 6.90
CA PHE A 199 21.51 -8.52 6.20
C PHE A 199 21.67 -8.37 4.68
N MET A 200 21.54 -7.16 4.14
CA MET A 200 21.74 -7.08 2.69
C MET A 200 23.21 -7.03 2.28
N GLY A 201 24.13 -7.21 3.22
CA GLY A 201 25.47 -7.56 2.87
C GLY A 201 25.72 -9.05 2.82
N ASN A 202 24.67 -9.87 3.01
CA ASN A 202 24.90 -11.31 3.09
C ASN A 202 25.33 -11.82 1.71
N LYS A 203 25.93 -13.03 1.72
CA LYS A 203 26.64 -13.51 0.54
C LYS A 203 25.74 -13.85 -0.64
N TYR A 204 24.41 -13.85 -0.47
CA TYR A 204 23.51 -14.09 -1.58
C TYR A 204 22.88 -12.82 -2.12
N SER A 205 23.27 -11.65 -1.60
CA SER A 205 22.55 -10.41 -1.88
C SER A 205 23.13 -9.68 -3.08
N ASN A 206 22.25 -9.17 -3.91
CA ASN A 206 22.64 -8.43 -5.10
C ASN A 206 22.48 -6.92 -4.97
N ILE A 207 21.93 -6.40 -3.88
CA ILE A 207 21.69 -4.97 -3.83
C ILE A 207 22.53 -4.34 -2.71
N ASP A 208 23.08 -3.19 -3.03
CA ASP A 208 24.06 -2.47 -2.23
C ASP A 208 23.37 -1.29 -1.52
N LEU A 209 23.20 -1.40 -0.20
CA LEU A 209 22.53 -0.33 0.53
C LEU A 209 23.48 0.80 0.95
N GLY A 210 24.76 0.73 0.58
CA GLY A 210 25.65 1.86 0.71
C GLY A 210 26.56 1.89 1.93
N LEU A 211 26.56 0.84 2.75
CA LEU A 211 27.40 0.84 3.93
C LEU A 211 28.47 -0.26 3.92
N THR A 212 28.85 -0.82 2.75
CA THR A 212 29.81 -1.91 2.79
C THR A 212 31.21 -1.45 3.19
N GLN A 213 31.52 -0.15 3.05
CA GLN A 213 32.80 0.33 3.58
C GLN A 213 32.89 0.15 5.09
N TRP A 214 31.78 -0.10 5.79
CA TRP A 214 31.82 -0.35 7.21
C TRP A 214 32.02 -1.82 7.56
N GLY A 215 32.11 -2.70 6.57
CA GLY A 215 32.28 -4.12 6.78
C GLY A 215 31.09 -4.96 6.40
N PHE A 216 29.96 -4.36 6.00
CA PHE A 216 28.73 -5.08 5.73
C PHE A 216 28.74 -5.77 4.34
N LYS A 217 29.74 -6.62 4.12
CA LYS A 217 29.76 -7.56 3.01
C LYS A 217 30.22 -8.89 3.59
N GLN A 218 29.36 -9.90 3.53
CA GLN A 218 29.72 -11.24 4.00
C GLN A 218 30.60 -11.93 2.95
N LEU A 219 31.75 -12.45 3.39
CA LEU A 219 32.66 -13.18 2.49
C LEU A 219 32.03 -14.50 2.01
N PRO A 220 32.45 -15.01 0.84
CA PRO A 220 31.78 -16.21 0.29
C PRO A 220 31.87 -17.43 1.19
N ASN A 221 32.93 -17.58 1.99
CA ASN A 221 33.10 -18.77 2.80
C ASN A 221 32.83 -18.53 4.28
N GLU A 222 32.37 -17.33 4.63
CA GLU A 222 32.18 -16.96 6.02
C GLU A 222 30.77 -17.31 6.46
N SER A 223 30.64 -17.92 7.63
CA SER A 223 29.29 -18.21 8.11
C SER A 223 28.60 -16.91 8.58
N TYR A 224 27.28 -16.94 8.60
CA TYR A 224 26.54 -15.77 9.07
C TYR A 224 26.83 -15.50 10.55
N ILE A 225 27.03 -16.56 11.34
CA ILE A 225 27.45 -16.42 12.73
C ILE A 225 28.69 -15.54 12.82
N ASP A 226 29.69 -15.85 11.98
CA ASP A 226 30.97 -15.14 12.04
C ASP A 226 30.88 -13.76 11.41
N TYR A 227 30.01 -13.60 10.41
CA TYR A 227 29.73 -12.29 9.85
C TYR A 227 29.18 -11.36 10.92
N ILE A 228 28.12 -11.80 11.62
CA ILE A 228 27.54 -11.04 12.72
C ILE A 228 28.61 -10.63 13.72
N LYS A 229 29.53 -11.55 14.04
CA LYS A 229 30.55 -11.25 15.04
C LYS A 229 31.58 -10.28 14.51
N ARG A 230 31.97 -10.40 13.24
CA ARG A 230 32.93 -9.45 12.68
C ARG A 230 32.35 -8.04 12.59
N VAL A 231 31.14 -7.88 12.03
CA VAL A 231 30.64 -6.53 11.85
C VAL A 231 30.12 -5.94 13.14
N SER A 232 29.85 -6.75 14.17
CA SER A 232 29.47 -6.14 15.44
C SER A 232 30.60 -5.33 16.04
N LYS A 233 31.84 -5.50 15.57
CA LYS A 233 32.94 -4.66 16.04
C LYS A 233 33.09 -3.38 15.22
N SER A 234 32.26 -3.18 14.20
CA SER A 234 32.43 -2.04 13.31
C SER A 234 32.07 -0.75 14.01
N LYS A 235 32.78 0.32 13.68
CA LYS A 235 32.45 1.57 14.35
C LYS A 235 31.14 2.18 13.85
N ILE A 236 30.47 1.58 12.87
CA ILE A 236 29.25 2.18 12.33
C ILE A 236 28.15 2.29 13.38
N TRP A 237 28.10 1.33 14.32
CA TRP A 237 27.00 1.31 15.28
C TRP A 237 27.00 2.54 16.20
N THR A 238 28.16 3.17 16.41
CA THR A 238 28.26 4.35 17.27
C THR A 238 28.71 5.59 16.51
N SER A 239 28.83 5.51 15.21
CA SER A 239 29.38 6.61 14.44
C SER A 239 28.30 7.62 14.05
N ASP A 240 28.73 8.87 13.92
CA ASP A 240 28.00 9.97 13.31
C ASP A 240 28.15 10.02 11.80
N ASP A 241 29.09 9.26 11.22
CA ASP A 241 29.35 9.30 9.77
C ASP A 241 28.30 8.48 9.02
N ASN A 242 27.05 8.95 9.07
CA ASN A 242 25.95 8.24 8.43
C ASN A 242 24.79 9.22 8.13
N ALA A 243 23.86 8.78 7.28
CA ALA A 243 22.78 9.67 6.84
C ALA A 243 21.88 10.10 8.00
N ALA A 244 21.57 9.17 8.90
CA ALA A 244 20.64 9.49 9.98
C ALA A 244 21.12 10.69 10.79
N TYR A 245 22.42 10.79 11.05
CA TYR A 245 22.91 11.94 11.81
C TYR A 245 22.93 13.21 10.95
N ASP A 246 23.40 13.10 9.72
CA ASP A 246 23.48 14.26 8.85
C ASP A 246 22.14 14.91 8.57
N LEU A 247 21.03 14.16 8.73
CA LEU A 247 19.69 14.69 8.48
C LEU A 247 19.09 15.38 9.71
N THR A 248 19.74 15.29 10.86
CA THR A 248 19.30 16.05 12.03
C THR A 248 19.61 17.54 11.83
N LEU A 249 19.07 18.38 12.72
CA LEU A 249 19.35 19.82 12.66
C LEU A 249 20.86 20.09 12.83
N ASP A 250 21.48 19.48 13.84
CA ASP A 250 22.92 19.68 14.01
C ASP A 250 23.72 19.17 12.82
N GLY A 251 23.35 18.00 12.29
CA GLY A 251 24.09 17.43 11.18
C GLY A 251 24.03 18.32 9.96
N SER A 252 22.83 18.78 9.61
CA SER A 252 22.70 19.66 8.46
C SER A 252 23.37 21.01 8.71
N ALA A 253 23.33 21.51 9.94
CA ALA A 253 23.98 22.79 10.23
C ALA A 253 25.51 22.69 10.09
N LYS A 254 26.10 21.52 10.38
CA LYS A 254 27.54 21.37 10.20
C LYS A 254 27.90 21.54 8.74
N LEU A 255 27.10 20.94 7.85
CA LEU A 255 27.26 21.17 6.42
C LEU A 255 27.06 22.64 6.05
N ASN A 256 26.00 23.26 6.55
CA ASN A 256 25.81 24.69 6.31
C ASN A 256 27.03 25.51 6.75
N ASN A 257 27.69 25.12 7.83
CA ASN A 257 28.79 25.89 8.37
C ASN A 257 30.12 25.54 7.73
N MET A 258 30.13 24.72 6.69
CA MET A 258 31.37 24.42 5.99
C MET A 258 31.15 24.53 4.48
N THR A 259 30.05 25.12 4.06
CA THR A 259 29.88 25.40 2.65
C THR A 259 29.80 26.90 2.45
N SER A 260 29.94 27.30 1.20
CA SER A 260 30.04 28.69 0.81
C SER A 260 29.42 28.81 -0.56
N MET A 261 29.13 30.04 -0.95
CA MET A 261 28.48 30.32 -2.23
C MET A 261 29.54 30.36 -3.31
N ASN A 262 29.26 29.67 -4.41
CA ASN A 262 30.05 29.79 -5.62
C ASN A 262 29.43 30.85 -6.52
N PRO A 263 30.12 31.95 -6.82
CA PRO A 263 29.48 33.03 -7.60
C PRO A 263 29.12 32.66 -9.03
N ASN A 264 29.65 31.55 -9.58
CA ASN A 264 29.34 31.17 -10.95
C ASN A 264 28.20 30.16 -11.05
N ILE A 265 27.72 29.64 -9.95
CA ILE A 265 26.72 28.58 -9.95
C ILE A 265 25.33 29.19 -9.81
N THR A 266 24.36 28.59 -10.48
CA THR A 266 22.96 28.99 -10.39
C THR A 266 22.24 28.07 -9.39
N TYR A 267 21.78 28.65 -8.28
CA TYR A 267 21.14 27.93 -7.18
C TYR A 267 19.62 28.09 -7.23
N THR A 268 18.91 26.99 -7.03
CA THR A 268 17.45 26.99 -7.09
C THR A 268 16.90 25.93 -6.15
N THR A 269 15.90 26.31 -5.34
CA THR A 269 15.23 25.37 -4.46
C THR A 269 13.75 25.28 -4.82
N TYR A 270 13.18 24.10 -4.62
CA TYR A 270 11.75 23.87 -4.65
C TYR A 270 11.33 23.26 -3.32
N THR A 271 10.12 23.58 -2.89
CA THR A 271 9.62 23.18 -1.58
C THR A 271 8.15 22.84 -1.72
N GLY A 272 7.73 21.79 -1.01
CA GLY A 272 6.32 21.43 -0.96
C GLY A 272 5.76 21.65 0.43
N VAL A 273 4.45 21.84 0.51
CA VAL A 273 3.79 21.84 1.80
C VAL A 273 2.63 20.86 1.71
N SER A 274 2.51 20.00 2.73
CA SER A 274 1.49 18.96 2.74
C SER A 274 0.74 18.93 4.07
N SER A 275 0.86 19.96 4.89
CA SER A 275 0.21 19.95 6.18
C SER A 275 -0.83 21.07 6.23
N HIS A 276 -1.68 21.01 7.25
CA HIS A 276 -2.68 22.04 7.47
C HIS A 276 -2.74 22.34 8.96
N THR A 277 -3.01 23.61 9.27
CA THR A 277 -3.05 24.07 10.66
C THR A 277 -4.23 23.44 11.38
N GLY A 278 -3.94 22.61 12.39
CA GLY A 278 -4.93 22.04 13.27
C GLY A 278 -5.48 23.07 14.24
N PRO A 279 -6.33 22.63 15.18
CA PRO A 279 -7.12 23.60 15.97
C PRO A 279 -6.28 24.48 16.90
N LEU A 280 -5.13 23.97 17.39
CA LEU A 280 -4.32 24.64 18.39
C LEU A 280 -3.20 25.47 17.78
N GLY A 281 -2.97 25.34 16.48
CA GLY A 281 -1.83 25.92 15.80
C GLY A 281 -0.81 24.91 15.33
N TYR A 282 -1.00 23.63 15.69
CA TYR A 282 -0.11 22.57 15.20
C TYR A 282 -0.48 22.16 13.78
N GLU A 283 0.47 21.57 13.09
CA GLU A 283 0.24 21.09 11.72
C GLU A 283 0.09 19.57 11.71
N ASN A 284 -0.92 19.10 10.98
CA ASN A 284 -1.22 17.69 10.73
C ASN A 284 -1.16 17.40 9.25
N PRO A 285 -0.85 16.15 8.86
CA PRO A 285 -0.70 15.83 7.44
C PRO A 285 -2.01 15.89 6.66
N ASP A 286 -1.90 16.32 5.41
CA ASP A 286 -3.07 16.38 4.56
C ASP A 286 -3.55 14.99 4.19
N LEU A 287 -4.84 14.86 3.95
CA LEU A 287 -5.31 13.67 3.24
C LEU A 287 -4.50 13.55 1.96
N GLY A 288 -3.93 12.37 1.72
CA GLY A 288 -3.14 12.16 0.53
C GLY A 288 -1.64 12.30 0.73
N THR A 289 -1.20 12.84 1.87
CA THR A 289 0.19 12.64 2.28
C THR A 289 0.48 11.15 2.21
N PHE A 290 1.59 10.79 1.57
CA PHE A 290 1.96 9.38 1.52
C PHE A 290 2.02 8.84 2.95
N PHE A 291 1.32 7.70 3.17
CA PHE A 291 1.02 7.24 4.52
C PHE A 291 2.25 6.89 5.35
N LEU A 292 3.37 6.55 4.70
CA LEU A 292 4.60 6.31 5.45
C LEU A 292 5.12 7.57 6.14
N MET A 293 4.68 8.75 5.74
CA MET A 293 5.06 9.96 6.46
C MET A 293 3.97 10.50 7.35
N ALA A 294 2.90 9.73 7.60
CA ALA A 294 1.82 10.23 8.45
C ALA A 294 2.31 10.54 9.86
N THR A 295 3.13 9.66 10.43
CA THR A 295 3.60 9.89 11.79
C THR A 295 4.73 10.90 11.83
N THR A 296 5.68 10.83 10.89
CA THR A 296 6.74 11.85 10.85
C THR A 296 6.15 13.25 10.64
N SER A 297 5.12 13.37 9.80
CA SER A 297 4.48 14.66 9.57
C SER A 297 3.93 15.24 10.87
N ARG A 298 3.31 14.40 11.70
CA ARG A 298 2.78 14.87 12.97
C ARG A 298 3.90 15.25 13.94
N ILE A 299 5.02 14.51 13.90
CA ILE A 299 6.15 14.84 14.77
C ILE A 299 6.66 16.24 14.44
N ILE A 300 6.81 16.53 13.15
CA ILE A 300 7.27 17.86 12.72
C ILE A 300 6.21 18.91 13.04
N GLY A 301 4.96 18.61 12.72
CA GLY A 301 3.88 19.57 12.87
C GLY A 301 3.62 19.98 14.30
N HIS A 302 4.06 19.19 15.28
CA HIS A 302 3.83 19.54 16.67
C HIS A 302 5.06 20.07 17.36
N ASP A 303 6.02 20.58 16.58
CA ASP A 303 7.20 21.21 17.15
C ASP A 303 6.79 22.35 18.07
N ALA A 304 7.69 22.71 18.98
CA ALA A 304 7.35 23.77 19.91
C ALA A 304 7.55 25.14 19.28
N ARG A 305 8.47 25.28 18.32
CA ARG A 305 8.65 26.52 17.58
C ARG A 305 7.73 26.49 16.36
N GLU A 306 6.93 27.54 16.20
CA GLU A 306 5.86 27.54 15.19
C GLU A 306 6.43 27.55 13.77
N GLU A 307 7.51 28.29 13.56
CA GLU A 307 8.10 28.39 12.23
C GLU A 307 8.64 27.05 11.72
N TRP A 308 8.66 25.99 12.55
CA TRP A 308 9.22 24.69 12.18
C TRP A 308 8.17 23.63 11.91
N ARG A 309 6.87 23.97 11.94
CA ARG A 309 5.79 22.99 11.87
C ARG A 309 5.34 22.65 10.45
N LYS A 310 5.12 23.65 9.59
CA LYS A 310 4.71 23.37 8.21
C LYS A 310 5.73 22.45 7.54
N ASN A 311 5.24 21.44 6.82
CA ASN A 311 6.14 20.40 6.34
C ASN A 311 5.49 19.65 5.17
N ASP A 312 6.29 18.78 4.53
CA ASP A 312 5.87 18.00 3.37
C ASP A 312 5.70 16.52 3.69
N GLY A 313 5.63 16.17 4.96
CA GLY A 313 5.71 14.78 5.37
C GLY A 313 6.94 14.48 6.22
N VAL A 314 8.14 14.90 5.78
CA VAL A 314 9.37 14.57 6.52
C VAL A 314 10.34 15.75 6.60
N VAL A 315 10.17 16.75 5.75
CA VAL A 315 11.05 17.91 5.75
C VAL A 315 10.23 19.15 6.08
N PRO A 316 10.55 19.88 7.15
CA PRO A 316 9.82 21.13 7.42
C PRO A 316 10.10 22.17 6.36
N VAL A 317 9.09 23.01 6.10
CA VAL A 317 9.17 24.04 5.07
C VAL A 317 10.38 24.95 5.30
N ILE A 318 10.62 25.37 6.54
CA ILE A 318 11.74 26.27 6.81
C ILE A 318 13.08 25.64 6.44
N SER A 319 13.15 24.30 6.39
CA SER A 319 14.39 23.61 6.09
C SER A 319 14.62 23.44 4.59
N SER A 320 13.55 23.35 3.81
CA SER A 320 13.67 23.13 2.37
C SER A 320 13.94 24.43 1.60
N LEU A 321 13.48 25.59 2.09
CA LEU A 321 13.55 26.82 1.31
C LEU A 321 15.00 27.17 0.94
N HIS A 322 15.92 27.08 1.92
CA HIS A 322 17.34 27.42 1.69
C HIS A 322 18.15 27.18 2.95
N PRO A 323 19.47 26.98 2.84
CA PRO A 323 20.28 26.89 4.06
C PRO A 323 20.17 28.16 4.89
N SER A 324 20.14 27.97 6.21
CA SER A 324 19.67 28.97 7.17
C SER A 324 20.21 30.36 6.87
N ASN A 325 21.52 30.54 6.94
CA ASN A 325 22.05 31.88 6.77
C ASN A 325 22.95 31.97 5.55
N GLN A 326 22.53 31.30 4.48
CA GLN A 326 23.15 31.55 3.19
C GLN A 326 22.24 32.43 2.34
N PRO A 327 22.81 33.31 1.53
CA PRO A 327 21.99 34.31 0.82
C PRO A 327 20.95 33.67 -0.09
N PHE A 328 19.78 34.31 -0.15
CA PHE A 328 18.65 33.77 -0.90
C PHE A 328 17.80 34.93 -1.40
N VAL A 329 16.99 34.65 -2.42
CA VAL A 329 16.02 35.61 -2.93
C VAL A 329 14.79 34.82 -3.36
N ASN A 330 13.61 35.27 -2.93
CA ASN A 330 12.39 34.61 -3.33
C ASN A 330 12.05 34.99 -4.76
N VAL A 331 11.66 34.01 -5.56
CA VAL A 331 11.33 34.26 -6.95
C VAL A 331 9.90 33.80 -7.17
N THR A 332 9.30 34.33 -8.24
CA THR A 332 8.05 33.80 -8.74
C THR A 332 8.35 32.60 -9.63
N ASN A 333 7.31 31.84 -9.96
CA ASN A 333 7.60 30.63 -10.70
C ASN A 333 7.91 30.92 -12.17
N ASP A 334 7.51 32.08 -12.68
CA ASP A 334 7.65 32.38 -14.10
C ASP A 334 8.83 33.29 -14.44
N GLU A 335 9.38 34.04 -13.49
CA GLU A 335 10.45 34.96 -13.85
C GLU A 335 11.74 34.19 -14.11
N PRO A 336 12.67 34.77 -14.86
CA PRO A 336 13.93 34.07 -15.14
C PRO A 336 14.69 33.81 -13.84
N ALA A 337 15.13 32.56 -13.68
CA ALA A 337 15.85 32.15 -12.47
C ALA A 337 17.33 31.93 -12.80
N THR A 338 17.93 32.98 -13.36
CA THR A 338 19.30 32.91 -13.85
C THR A 338 20.28 33.71 -13.00
N ARG A 339 19.87 34.13 -11.80
CA ARG A 339 20.82 34.75 -10.88
C ARG A 339 21.85 33.72 -10.43
N ARG A 340 23.08 34.18 -10.25
CA ARG A 340 24.21 33.34 -9.86
C ARG A 340 24.61 33.67 -8.42
N GLY A 341 25.15 32.70 -7.70
CA GLY A 341 25.64 32.95 -6.36
C GLY A 341 24.60 33.16 -5.28
N ILE A 342 23.34 32.78 -5.52
CA ILE A 342 22.29 33.07 -4.54
C ILE A 342 21.18 32.04 -4.70
N TRP A 343 20.66 31.55 -3.56
CA TRP A 343 19.58 30.57 -3.55
C TRP A 343 18.30 31.24 -4.04
N GLN A 344 17.84 30.85 -5.22
CA GLN A 344 16.56 31.34 -5.74
C GLN A 344 15.46 30.39 -5.25
N VAL A 345 14.61 30.89 -4.34
CA VAL A 345 13.59 30.09 -3.67
C VAL A 345 12.30 30.13 -4.48
N LYS A 346 11.97 29.03 -5.17
CA LYS A 346 10.72 28.97 -5.94
C LYS A 346 9.52 28.90 -5.00
N PRO A 347 8.36 29.42 -5.41
CA PRO A 347 7.20 29.46 -4.52
C PRO A 347 6.80 28.08 -4.02
N ILE A 348 6.42 28.01 -2.75
CA ILE A 348 6.05 26.75 -2.11
C ILE A 348 4.89 26.09 -2.84
N ILE A 349 5.07 24.82 -3.21
CA ILE A 349 4.05 24.08 -3.95
C ILE A 349 3.01 23.56 -2.97
N GLN A 350 1.76 24.02 -3.09
CA GLN A 350 0.72 23.59 -2.17
C GLN A 350 0.11 22.25 -2.57
N GLY A 351 0.13 21.31 -1.63
CA GLY A 351 -0.42 19.99 -1.85
C GLY A 351 0.58 18.94 -2.27
N TRP A 352 1.82 19.32 -2.56
CA TRP A 352 2.86 18.36 -2.91
C TRP A 352 3.57 17.92 -1.64
N ASP A 353 3.58 16.60 -1.38
CA ASP A 353 4.35 16.08 -0.27
C ASP A 353 5.73 15.73 -0.77
N HIS A 354 6.55 15.22 0.15
CA HIS A 354 7.96 14.93 -0.11
C HIS A 354 8.16 14.01 -1.31
N VAL A 355 7.30 13.00 -1.50
CA VAL A 355 7.51 12.05 -2.61
C VAL A 355 6.68 12.40 -3.84
N ASP A 356 5.75 13.36 -3.74
CA ASP A 356 5.12 13.84 -4.96
C ASP A 356 6.13 14.47 -5.92
N PHE A 357 7.29 14.91 -5.41
CA PHE A 357 8.36 15.45 -6.24
C PHE A 357 8.97 14.42 -7.18
N ILE A 358 8.82 13.12 -6.89
CA ILE A 358 9.51 12.08 -7.66
C ILE A 358 8.51 11.02 -8.14
N GLY A 359 7.21 11.28 -8.00
CA GLY A 359 6.18 10.46 -8.59
C GLY A 359 5.97 9.06 -8.02
N VAL A 360 6.71 8.65 -6.99
CA VAL A 360 6.63 7.26 -6.55
C VAL A 360 5.32 6.94 -5.83
N ASP A 361 4.56 7.94 -5.40
CA ASP A 361 3.32 7.72 -4.66
C ASP A 361 2.22 7.23 -5.60
N PHE A 362 2.18 5.90 -5.82
CA PHE A 362 1.18 5.36 -6.72
C PHE A 362 -0.24 5.36 -6.13
N LEU A 363 -0.37 5.42 -4.79
CA LEU A 363 -1.67 5.40 -4.12
C LEU A 363 -2.45 6.71 -4.31
N ASP A 364 -1.76 7.81 -4.59
CA ASP A 364 -2.36 9.14 -4.64
C ASP A 364 -2.70 9.41 -6.11
N PHE A 365 -3.94 9.11 -6.51
CA PHE A 365 -4.32 9.33 -7.91
C PHE A 365 -4.55 10.80 -8.24
N LYS A 366 -4.56 11.68 -7.24
CA LYS A 366 -4.82 13.09 -7.52
C LYS A 366 -3.63 13.77 -8.20
N ARG A 367 -2.41 13.29 -7.97
CA ARG A 367 -1.22 13.86 -8.58
C ARG A 367 -0.91 13.03 -9.83
N LYS A 368 -1.37 13.50 -10.99
CA LYS A 368 -1.24 12.80 -12.25
C LYS A 368 0.12 13.10 -12.91
N GLY A 369 0.39 12.36 -14.01
CA GLY A 369 1.71 12.39 -14.61
C GLY A 369 1.98 13.64 -15.44
N ALA A 370 0.95 14.16 -16.11
CA ALA A 370 1.13 15.39 -16.88
C ALA A 370 1.67 16.51 -16.00
N GLU A 371 1.18 16.61 -14.76
CA GLU A 371 1.63 17.67 -13.88
C GLU A 371 3.08 17.44 -13.47
N LEU A 372 3.47 16.19 -13.23
CA LEU A 372 4.86 15.92 -12.92
C LEU A 372 5.75 16.13 -14.14
N ALA A 373 5.27 15.82 -15.34
CA ALA A 373 6.03 16.13 -16.54
C ALA A 373 6.26 17.64 -16.71
N ASN A 374 5.23 18.46 -16.47
CA ASN A 374 5.43 19.91 -16.54
C ASN A 374 6.46 20.38 -15.53
N PHE A 375 6.49 19.75 -14.36
CA PHE A 375 7.44 20.18 -13.34
C PHE A 375 8.87 19.96 -13.80
N TYR A 376 9.16 18.81 -14.41
CA TYR A 376 10.52 18.56 -14.90
C TYR A 376 10.83 19.37 -16.14
N THR A 377 9.84 19.61 -16.99
CA THR A 377 10.04 20.52 -18.10
C THR A 377 10.44 21.91 -17.62
N GLY A 378 9.86 22.36 -16.51
CA GLY A 378 10.25 23.65 -15.95
C GLY A 378 11.71 23.68 -15.52
N ILE A 379 12.18 22.61 -14.87
CA ILE A 379 13.57 22.58 -14.41
C ILE A 379 14.52 22.60 -15.59
N ILE A 380 14.28 21.74 -16.59
CA ILE A 380 15.14 21.69 -17.78
C ILE A 380 15.12 23.02 -18.53
N ASN A 381 13.94 23.65 -18.65
CA ASN A 381 13.89 24.97 -19.29
C ASN A 381 14.71 25.99 -18.50
N ASP A 382 14.65 25.94 -17.17
CA ASP A 382 15.50 26.79 -16.36
C ASP A 382 16.97 26.47 -16.60
N LEU A 383 17.34 25.19 -16.66
CA LEU A 383 18.73 24.82 -16.88
C LEU A 383 19.21 25.28 -18.25
N LEU A 384 18.38 25.12 -19.28
CA LEU A 384 18.73 25.61 -20.61
C LEU A 384 18.92 27.12 -20.63
N ARG A 385 18.23 27.84 -19.74
CA ARG A 385 18.41 29.29 -19.64
C ARG A 385 19.67 29.66 -18.89
N VAL A 386 20.09 28.86 -17.91
CA VAL A 386 21.43 29.04 -17.33
C VAL A 386 22.49 28.97 -18.43
N GLU A 387 22.41 27.95 -19.29
CA GLU A 387 23.39 27.76 -20.35
C GLU A 387 23.38 28.95 -21.32
N ALA A 388 22.19 29.39 -21.71
CA ALA A 388 22.11 30.46 -22.70
C ALA A 388 22.65 31.79 -22.18
N THR A 389 22.68 31.99 -20.86
CA THR A 389 23.04 33.30 -20.29
C THR A 389 24.39 33.30 -19.58
N GLU A 390 25.39 32.60 -20.10
CA GLU A 390 26.72 32.71 -19.52
C GLU A 390 27.70 33.38 -20.48
N PRO B 10 -26.24 -12.83 28.54
CA PRO B 10 -25.85 -12.06 27.35
C PRO B 10 -26.99 -11.15 26.89
N LEU B 11 -26.69 -9.96 26.38
CA LEU B 11 -27.74 -8.96 26.13
C LEU B 11 -28.61 -9.26 24.92
N ASN B 12 -28.12 -10.01 23.93
CA ASN B 12 -28.95 -10.43 22.82
C ASN B 12 -29.38 -11.88 23.06
N LYS B 13 -30.67 -12.15 22.81
CA LYS B 13 -31.22 -13.48 23.06
C LYS B 13 -30.92 -14.46 21.91
N TYR B 14 -30.69 -13.96 20.69
CA TYR B 14 -30.25 -14.81 19.60
C TYR B 14 -28.81 -14.50 19.24
N PRO B 15 -27.98 -15.52 19.00
CA PRO B 15 -26.59 -15.26 18.59
C PRO B 15 -26.55 -14.51 17.26
N VAL B 16 -25.59 -13.58 17.15
CA VAL B 16 -25.32 -12.90 15.89
C VAL B 16 -24.14 -13.61 15.22
N VAL B 17 -24.31 -13.96 13.95
CA VAL B 17 -23.27 -14.60 13.18
C VAL B 17 -22.94 -13.68 12.01
N PHE B 18 -21.68 -13.25 11.92
CA PHE B 18 -21.20 -12.39 10.84
C PHE B 18 -20.55 -13.25 9.77
N VAL B 19 -20.93 -13.01 8.51
CA VAL B 19 -20.53 -13.89 7.42
C VAL B 19 -19.73 -13.08 6.41
N HIS B 20 -18.41 -13.29 6.40
CA HIS B 20 -17.52 -12.62 5.46
C HIS B 20 -17.88 -12.98 4.02
N GLY B 21 -17.37 -12.19 3.10
CA GLY B 21 -17.65 -12.38 1.70
C GLY B 21 -16.54 -13.09 0.94
N PHE B 22 -16.44 -12.77 -0.34
CA PHE B 22 -15.43 -13.32 -1.22
C PHE B 22 -14.03 -12.91 -0.76
N LEU B 23 -13.07 -13.84 -0.84
CA LEU B 23 -11.67 -13.67 -0.43
C LEU B 23 -11.47 -13.59 1.07
N GLY B 24 -12.53 -13.66 1.88
CA GLY B 24 -12.39 -13.40 3.30
C GLY B 24 -11.77 -14.57 4.04
N LEU B 25 -10.83 -14.25 4.93
CA LEU B 25 -10.19 -15.19 5.84
C LEU B 25 -10.34 -14.65 7.25
N VAL B 26 -10.79 -15.50 8.17
CA VAL B 26 -11.05 -15.07 9.54
C VAL B 26 -10.39 -16.00 10.54
N GLY B 27 -10.16 -15.45 11.73
CA GLY B 27 -9.69 -16.23 12.85
C GLY B 27 -8.28 -16.70 12.60
N ASP B 28 -8.04 -17.94 12.97
CA ASP B 28 -6.74 -18.56 12.80
C ASP B 28 -6.51 -19.07 11.38
N ASN B 29 -7.48 -18.88 10.50
CA ASN B 29 -7.30 -19.15 9.08
C ASN B 29 -6.73 -17.95 8.34
N ALA B 30 -6.29 -16.93 9.05
CA ALA B 30 -5.69 -15.86 8.26
C ALA B 30 -4.19 -16.04 8.21
N PRO B 31 -3.50 -15.52 7.19
CA PRO B 31 -2.04 -15.62 7.15
C PRO B 31 -1.39 -14.82 8.28
N ALA B 32 -0.07 -15.00 8.41
CA ALA B 32 0.65 -14.49 9.57
C ALA B 32 0.46 -12.99 9.76
N LEU B 33 0.70 -12.20 8.71
CA LEU B 33 0.41 -10.77 8.71
C LEU B 33 -0.71 -10.53 7.71
N TYR B 34 -1.82 -9.98 8.16
CA TYR B 34 -3.01 -9.91 7.34
C TYR B 34 -4.07 -9.13 8.12
N PRO B 35 -4.87 -8.31 7.45
CA PRO B 35 -5.81 -7.47 8.19
C PRO B 35 -6.93 -8.32 8.75
N ASN B 36 -7.45 -7.88 9.89
CA ASN B 36 -8.51 -8.60 10.58
C ASN B 36 -9.83 -8.21 9.92
N TYR B 37 -10.57 -9.22 9.45
CA TYR B 37 -11.65 -8.97 8.49
C TYR B 37 -12.72 -8.07 9.08
N TRP B 38 -13.21 -8.40 10.28
CA TRP B 38 -14.33 -7.67 10.88
C TRP B 38 -13.78 -6.57 11.77
N GLY B 39 -13.48 -5.45 11.12
CA GLY B 39 -13.15 -4.20 11.78
C GLY B 39 -11.75 -3.70 11.55
N GLY B 40 -10.86 -4.50 10.96
CA GLY B 40 -9.49 -4.07 10.81
C GLY B 40 -8.87 -3.76 12.14
N ASN B 41 -8.09 -2.68 12.18
CA ASN B 41 -7.58 -2.12 13.41
C ASN B 41 -8.42 -0.95 13.90
N LYS B 42 -9.60 -0.75 13.31
CA LYS B 42 -10.44 0.41 13.59
C LYS B 42 -11.50 0.09 14.65
N PHE B 43 -12.28 -0.99 14.46
CA PHE B 43 -13.22 -1.46 15.48
C PHE B 43 -13.23 -2.98 15.45
N LYS B 44 -12.70 -3.61 16.49
CA LYS B 44 -12.64 -5.06 16.49
C LYS B 44 -14.02 -5.62 16.83
N VAL B 45 -14.83 -5.83 15.79
CA VAL B 45 -16.26 -6.15 15.96
C VAL B 45 -16.47 -7.28 16.96
N ILE B 46 -15.93 -8.48 16.68
CA ILE B 46 -16.20 -9.62 17.56
C ILE B 46 -15.68 -9.35 18.98
N GLU B 47 -14.45 -8.85 19.09
CA GLU B 47 -13.87 -8.49 20.39
C GLU B 47 -14.75 -7.53 21.17
N GLU B 48 -15.05 -6.37 20.57
CA GLU B 48 -15.69 -5.29 21.30
C GLU B 48 -17.15 -5.60 21.60
N LEU B 49 -17.90 -6.11 20.61
CA LEU B 49 -19.30 -6.43 20.86
C LEU B 49 -19.44 -7.47 21.96
N ARG B 50 -18.48 -8.40 22.05
CA ARG B 50 -18.45 -9.32 23.19
C ARG B 50 -18.20 -8.55 24.48
N LYS B 51 -17.22 -7.64 24.47
CA LYS B 51 -16.95 -6.80 25.64
C LYS B 51 -18.21 -6.07 26.11
N GLN B 52 -19.04 -5.62 25.17
CA GLN B 52 -20.29 -4.94 25.51
C GLN B 52 -21.39 -5.91 25.94
N GLY B 53 -21.12 -7.20 26.06
CA GLY B 53 -22.12 -8.14 26.53
C GLY B 53 -22.97 -8.79 25.47
N TYR B 54 -22.55 -8.78 24.21
CA TYR B 54 -23.30 -9.39 23.13
C TYR B 54 -22.68 -10.71 22.74
N ASN B 55 -23.51 -11.63 22.29
CA ASN B 55 -23.06 -12.94 21.83
C ASN B 55 -22.93 -12.88 20.31
N VAL B 56 -21.68 -12.78 19.84
CA VAL B 56 -21.41 -12.66 18.40
C VAL B 56 -20.33 -13.65 17.99
N HIS B 57 -20.36 -14.04 16.71
CA HIS B 57 -19.45 -15.01 16.14
C HIS B 57 -19.17 -14.63 14.69
N GLN B 58 -17.99 -14.98 14.20
CA GLN B 58 -17.68 -14.82 12.78
C GLN B 58 -17.59 -16.20 12.13
N ALA B 59 -18.48 -16.47 11.19
CA ALA B 59 -18.42 -17.70 10.44
C ALA B 59 -17.13 -17.73 9.62
N SER B 60 -16.58 -18.92 9.45
CA SER B 60 -15.42 -19.15 8.57
C SER B 60 -15.89 -20.08 7.46
N VAL B 61 -16.24 -19.52 6.31
CA VAL B 61 -16.63 -20.32 5.17
C VAL B 61 -15.68 -20.04 4.00
N SER B 62 -15.82 -20.87 2.96
CA SER B 62 -14.93 -20.86 1.82
C SER B 62 -14.75 -19.45 1.25
N ALA B 63 -13.51 -19.11 0.91
CA ALA B 63 -13.22 -17.76 0.42
C ALA B 63 -13.38 -17.65 -1.08
N PHE B 64 -13.31 -18.76 -1.81
CA PHE B 64 -13.39 -18.76 -3.26
C PHE B 64 -14.52 -19.63 -3.78
N GLY B 65 -15.20 -20.37 -2.91
CA GLY B 65 -16.26 -21.26 -3.33
C GLY B 65 -17.54 -20.55 -3.72
N SER B 66 -18.41 -21.31 -4.37
CA SER B 66 -19.70 -20.79 -4.79
C SER B 66 -20.58 -20.45 -3.59
N ASN B 67 -21.65 -19.69 -3.87
CA ASN B 67 -22.66 -19.43 -2.84
C ASN B 67 -23.28 -20.72 -2.33
N TYR B 68 -23.56 -21.67 -3.23
CA TYR B 68 -24.06 -22.98 -2.79
C TYR B 68 -23.09 -23.61 -1.80
N ASP B 69 -21.82 -23.73 -2.18
CA ASP B 69 -20.85 -24.39 -1.31
C ASP B 69 -20.67 -23.61 -0.01
N ARG B 70 -20.67 -22.28 -0.10
CA ARG B 70 -20.52 -21.46 1.11
C ARG B 70 -21.76 -21.56 1.99
N ALA B 71 -22.94 -21.66 1.40
CA ALA B 71 -24.17 -21.75 2.18
C ALA B 71 -24.22 -23.05 2.96
N VAL B 72 -23.81 -24.15 2.33
CA VAL B 72 -23.74 -25.42 3.06
C VAL B 72 -22.76 -25.30 4.22
N GLU B 73 -21.59 -24.73 3.97
CA GLU B 73 -20.57 -24.68 5.02
C GLU B 73 -20.98 -23.78 6.15
N LEU B 74 -21.72 -22.71 5.87
CA LEU B 74 -22.19 -21.82 6.92
C LEU B 74 -23.13 -22.58 7.86
N TYR B 75 -24.04 -23.39 7.28
CA TYR B 75 -24.96 -24.18 8.10
C TYR B 75 -24.21 -25.07 9.09
N TYR B 76 -23.11 -25.69 8.65
CA TYR B 76 -22.37 -26.56 9.56
C TYR B 76 -21.52 -25.78 10.56
N TYR B 77 -21.04 -24.59 10.18
CA TYR B 77 -20.38 -23.73 11.15
C TYR B 77 -21.28 -23.45 12.35
N ILE B 78 -22.57 -23.20 12.11
CA ILE B 78 -23.50 -22.93 13.21
C ILE B 78 -23.90 -24.23 13.89
N LYS B 79 -24.44 -25.19 13.14
CA LYS B 79 -25.00 -26.40 13.74
C LYS B 79 -23.92 -27.35 14.25
N GLY B 80 -22.76 -27.38 13.59
CA GLY B 80 -21.75 -28.40 13.82
C GLY B 80 -21.98 -29.62 12.95
N GLY B 81 -20.90 -30.33 12.69
CA GLY B 81 -20.94 -31.56 11.92
C GLY B 81 -20.03 -31.50 10.71
N ARG B 82 -20.06 -32.59 9.94
CA ARG B 82 -19.24 -32.67 8.74
C ARG B 82 -20.03 -32.18 7.52
N VAL B 83 -19.44 -31.23 6.79
CA VAL B 83 -20.07 -30.63 5.61
C VAL B 83 -20.52 -31.70 4.61
N ASP B 84 -21.76 -31.57 4.16
CA ASP B 84 -22.36 -32.47 3.17
C ASP B 84 -22.92 -31.55 2.09
N TYR B 85 -22.19 -31.41 0.98
CA TYR B 85 -22.63 -30.59 -0.14
C TYR B 85 -23.82 -31.17 -0.91
N GLY B 86 -24.25 -32.38 -0.61
CA GLY B 86 -25.29 -33.04 -1.38
C GLY B 86 -24.73 -34.03 -2.40
N ALA B 87 -25.37 -35.20 -2.53
CA ALA B 87 -24.89 -36.17 -3.50
C ALA B 87 -25.21 -35.77 -4.93
N ALA B 88 -26.37 -35.15 -5.17
CA ALA B 88 -26.68 -34.68 -6.51
C ALA B 88 -25.74 -33.54 -6.92
N HIS B 89 -25.59 -32.54 -6.06
CA HIS B 89 -24.70 -31.41 -6.38
C HIS B 89 -23.28 -31.89 -6.65
N ALA B 90 -22.72 -32.69 -5.73
CA ALA B 90 -21.36 -33.19 -5.92
C ALA B 90 -21.22 -33.92 -7.25
N ALA B 91 -22.23 -34.70 -7.62
CA ALA B 91 -22.14 -35.45 -8.87
C ALA B 91 -22.24 -34.54 -10.09
N LYS B 92 -23.05 -33.49 -10.00
CA LYS B 92 -23.34 -32.65 -11.17
C LYS B 92 -22.19 -31.70 -11.48
N TYR B 93 -21.51 -31.19 -10.44
CA TYR B 93 -20.43 -30.25 -10.67
C TYR B 93 -19.06 -30.90 -10.60
N GLY B 94 -18.97 -32.15 -10.15
CA GLY B 94 -17.74 -32.91 -10.18
C GLY B 94 -16.76 -32.64 -9.05
N HIS B 95 -17.24 -32.40 -7.83
CA HIS B 95 -16.36 -32.26 -6.67
C HIS B 95 -16.84 -33.14 -5.51
N GLU B 96 -16.02 -33.20 -4.46
CA GLU B 96 -16.27 -34.09 -3.34
C GLU B 96 -17.63 -33.80 -2.72
N ARG B 97 -18.24 -34.84 -2.13
CA ARG B 97 -19.52 -34.64 -1.46
C ARG B 97 -19.34 -34.12 -0.04
N TYR B 98 -18.35 -34.63 0.69
CA TYR B 98 -18.11 -34.25 2.07
C TYR B 98 -16.89 -33.35 2.19
N GLY B 99 -16.91 -32.46 3.19
CA GLY B 99 -15.86 -31.50 3.40
C GLY B 99 -15.43 -31.43 4.85
N LYS B 100 -15.15 -30.20 5.29
CA LYS B 100 -14.63 -29.92 6.62
C LYS B 100 -15.61 -30.42 7.69
N THR B 101 -15.09 -30.63 8.89
CA THR B 101 -15.94 -30.84 10.07
C THR B 101 -15.83 -29.64 11.01
N TYR B 102 -16.98 -29.12 11.43
CA TYR B 102 -17.06 -27.95 12.29
C TYR B 102 -17.53 -28.34 13.67
N LYS B 103 -16.94 -27.76 14.71
CA LYS B 103 -17.46 -27.98 16.06
C LYS B 103 -18.89 -27.50 16.17
N GLY B 104 -19.15 -26.28 15.68
CA GLY B 104 -20.48 -25.72 15.70
C GLY B 104 -20.72 -24.82 16.89
N ILE B 105 -21.13 -23.58 16.62
CA ILE B 105 -21.37 -22.62 17.70
C ILE B 105 -22.68 -22.89 18.42
N MET B 106 -23.61 -23.61 17.81
CA MET B 106 -24.90 -23.92 18.43
C MET B 106 -25.31 -25.34 18.09
N PRO B 107 -24.78 -26.33 18.81
CA PRO B 107 -25.10 -27.73 18.49
C PRO B 107 -26.59 -28.05 18.45
N ASN B 108 -27.42 -27.41 19.29
CA ASN B 108 -28.85 -27.65 19.35
C ASN B 108 -29.66 -26.65 18.53
N TRP B 109 -29.05 -26.06 17.50
CA TRP B 109 -29.79 -25.18 16.61
C TRP B 109 -30.90 -25.97 15.91
N GLU B 110 -32.12 -25.44 15.99
CA GLU B 110 -33.33 -26.13 15.57
C GLU B 110 -34.47 -25.11 15.54
N PRO B 111 -35.61 -25.43 14.86
CA PRO B 111 -36.76 -24.52 14.93
C PRO B 111 -37.09 -24.14 16.36
N GLY B 112 -37.04 -22.84 16.68
CA GLY B 112 -37.20 -22.40 18.04
C GLY B 112 -36.02 -21.57 18.55
N LYS B 113 -34.79 -21.99 18.25
CA LYS B 113 -33.59 -21.24 18.61
C LYS B 113 -33.10 -20.52 17.36
N LYS B 114 -33.09 -19.19 17.39
CA LYS B 114 -32.83 -18.41 16.19
C LYS B 114 -31.43 -17.80 16.20
N VAL B 115 -30.98 -17.37 15.02
CA VAL B 115 -29.78 -16.57 14.85
C VAL B 115 -30.12 -15.30 14.08
N HIS B 116 -29.34 -14.25 14.33
CA HIS B 116 -29.23 -13.10 13.44
C HIS B 116 -28.09 -13.36 12.48
N LEU B 117 -28.28 -13.03 11.20
CA LEU B 117 -27.23 -13.20 10.20
C LEU B 117 -26.88 -11.85 9.60
N VAL B 118 -25.61 -11.48 9.71
CA VAL B 118 -25.07 -10.25 9.11
C VAL B 118 -23.99 -10.68 8.13
N GLY B 119 -24.14 -10.26 6.88
CA GLY B 119 -23.18 -10.63 5.87
C GLY B 119 -22.65 -9.42 5.14
N HIS B 120 -21.33 -9.38 4.94
CA HIS B 120 -20.69 -8.35 4.17
C HIS B 120 -20.42 -8.86 2.76
N SER B 121 -20.76 -8.06 1.76
CA SER B 121 -20.45 -8.37 0.36
C SER B 121 -21.10 -9.71 0.01
N MET B 122 -20.35 -10.73 -0.39
CA MET B 122 -20.96 -11.97 -0.83
C MET B 122 -21.55 -12.76 0.34
N GLY B 123 -21.12 -12.48 1.58
CA GLY B 123 -21.78 -13.10 2.72
C GLY B 123 -23.27 -12.86 2.73
N GLY B 124 -23.72 -11.71 2.22
CA GLY B 124 -25.15 -11.46 2.13
C GLY B 124 -25.86 -12.47 1.24
N GLN B 125 -25.29 -12.74 0.07
CA GLN B 125 -25.88 -13.75 -0.82
C GLN B 125 -25.84 -15.14 -0.18
N THR B 126 -24.77 -15.44 0.57
CA THR B 126 -24.62 -16.76 1.20
C THR B 126 -25.70 -16.98 2.27
N ILE B 127 -25.98 -15.94 3.06
CA ILE B 127 -27.02 -16.01 4.07
C ILE B 127 -28.38 -16.24 3.45
N ARG B 128 -28.65 -15.59 2.31
CA ARG B 128 -29.93 -15.81 1.66
C ARG B 128 -30.08 -17.25 1.18
N LEU B 129 -29.02 -17.79 0.57
CA LEU B 129 -29.14 -19.12 -0.01
C LEU B 129 -29.28 -20.19 1.07
N MET B 130 -28.66 -19.99 2.24
CA MET B 130 -28.78 -21.02 3.26
C MET B 130 -30.17 -21.01 3.89
N GLU B 131 -30.72 -19.82 4.20
CA GLU B 131 -32.08 -19.75 4.70
C GLU B 131 -33.07 -20.39 3.73
N GLU B 132 -32.86 -20.17 2.42
CA GLU B 132 -33.70 -20.80 1.42
C GLU B 132 -33.71 -22.32 1.58
N PHE B 133 -32.55 -22.93 1.82
CA PHE B 133 -32.46 -24.38 2.00
C PHE B 133 -33.18 -24.84 3.24
N LEU B 134 -33.05 -24.06 4.32
CA LEU B 134 -33.71 -24.38 5.59
C LEU B 134 -35.22 -24.37 5.42
N ARG B 135 -35.74 -23.41 4.67
CA ARG B 135 -37.17 -23.22 4.49
C ARG B 135 -37.74 -24.11 3.39
N ASN B 136 -37.15 -24.07 2.21
CA ASN B 136 -37.73 -24.75 1.05
C ASN B 136 -36.94 -25.98 0.60
N GLY B 137 -35.81 -26.28 1.22
CA GLY B 137 -35.05 -27.45 0.85
C GLY B 137 -34.34 -27.30 -0.49
N ASN B 138 -33.79 -28.42 -0.94
CA ASN B 138 -33.10 -28.53 -2.22
C ASN B 138 -33.77 -29.66 -2.97
N LYS B 139 -34.49 -29.32 -4.05
CA LYS B 139 -35.33 -30.30 -4.72
C LYS B 139 -34.51 -31.37 -5.45
N GLU B 140 -33.29 -31.04 -5.88
CA GLU B 140 -32.45 -32.05 -6.54
C GLU B 140 -31.99 -33.10 -5.54
N GLU B 141 -31.52 -32.68 -4.36
CA GLU B 141 -31.14 -33.64 -3.33
C GLU B 141 -32.33 -34.44 -2.83
N ILE B 142 -33.52 -33.85 -2.84
CA ILE B 142 -34.71 -34.59 -2.42
C ILE B 142 -35.04 -35.68 -3.44
N ALA B 143 -35.02 -35.32 -4.74
CA ALA B 143 -35.28 -36.28 -5.80
C ALA B 143 -34.20 -37.35 -5.86
N TYR B 144 -32.98 -37.01 -5.49
CA TYR B 144 -31.88 -37.98 -5.50
C TYR B 144 -32.04 -38.97 -4.36
N HIS B 145 -32.23 -38.45 -3.14
CA HIS B 145 -32.43 -39.31 -1.98
C HIS B 145 -33.68 -40.19 -2.12
N LYS B 146 -34.69 -39.75 -2.87
CA LYS B 146 -35.83 -40.62 -3.11
C LYS B 146 -35.46 -41.75 -4.07
N ALA B 147 -34.63 -41.47 -5.07
CA ALA B 147 -34.35 -42.42 -6.14
C ALA B 147 -33.21 -43.38 -5.79
N HIS B 148 -32.27 -42.96 -4.94
CA HIS B 148 -31.14 -43.79 -4.58
C HIS B 148 -31.03 -44.06 -3.08
N GLY B 149 -32.02 -43.64 -2.29
CA GLY B 149 -31.91 -43.91 -0.87
C GLY B 149 -30.73 -43.20 -0.25
N GLY B 150 -30.19 -43.78 0.82
CA GLY B 150 -29.04 -43.23 1.50
C GLY B 150 -29.43 -42.22 2.56
N GLU B 151 -28.60 -41.20 2.78
CA GLU B 151 -28.90 -40.15 3.73
C GLU B 151 -28.93 -38.80 3.03
N ILE B 152 -29.80 -37.93 3.52
CA ILE B 152 -29.86 -36.54 3.09
C ILE B 152 -29.58 -35.65 4.30
N SER B 153 -28.78 -34.62 4.07
CA SER B 153 -28.57 -33.61 5.09
C SER B 153 -29.89 -32.91 5.42
N PRO B 154 -30.14 -32.58 6.70
CA PRO B 154 -31.38 -31.83 7.02
C PRO B 154 -31.42 -30.45 6.39
N LEU B 155 -30.26 -29.91 5.99
CA LEU B 155 -30.24 -28.63 5.30
C LEU B 155 -31.09 -28.67 4.03
N PHE B 156 -31.16 -29.82 3.37
CA PHE B 156 -31.86 -29.94 2.09
C PHE B 156 -33.26 -30.53 2.23
N THR B 157 -33.69 -30.87 3.44
CA THR B 157 -35.02 -31.46 3.63
C THR B 157 -36.13 -30.43 3.42
N GLY B 158 -35.92 -29.19 3.89
CA GLY B 158 -36.94 -28.17 3.85
C GLY B 158 -37.97 -28.37 4.94
N GLY B 159 -38.80 -27.34 5.13
CA GLY B 159 -39.82 -27.34 6.15
C GLY B 159 -39.41 -26.65 7.43
N HIS B 160 -38.13 -26.41 7.63
CA HIS B 160 -37.64 -25.77 8.85
C HIS B 160 -37.87 -24.25 8.82
N ASN B 161 -38.50 -23.74 9.87
CA ASN B 161 -38.76 -22.31 10.03
C ASN B 161 -38.34 -21.90 11.44
N ASN B 162 -38.52 -20.62 11.76
CA ASN B 162 -38.25 -20.09 13.10
C ASN B 162 -36.84 -20.44 13.55
N MET B 163 -35.91 -20.26 12.65
CA MET B 163 -34.51 -20.47 12.96
C MET B 163 -33.63 -19.30 12.61
N VAL B 164 -34.07 -18.37 11.77
CA VAL B 164 -33.32 -17.19 11.36
C VAL B 164 -34.18 -15.98 11.71
N ALA B 165 -33.71 -15.15 12.63
CA ALA B 165 -34.51 -13.98 13.01
C ALA B 165 -34.34 -12.82 12.05
N SER B 166 -33.12 -12.58 11.55
CA SER B 166 -32.88 -11.43 10.70
C SER B 166 -31.77 -11.71 9.71
N ILE B 167 -31.86 -11.06 8.55
CA ILE B 167 -30.84 -11.12 7.51
C ILE B 167 -30.47 -9.69 7.18
N THR B 168 -29.20 -9.33 7.38
CA THR B 168 -28.71 -7.97 7.15
C THR B 168 -27.53 -8.04 6.20
N THR B 169 -27.50 -7.18 5.19
CA THR B 169 -26.44 -7.20 4.19
C THR B 169 -25.73 -5.85 4.12
N LEU B 170 -24.41 -5.91 3.98
CA LEU B 170 -23.55 -4.74 3.90
C LEU B 170 -22.83 -4.76 2.56
N ALA B 171 -23.20 -3.86 1.65
CA ALA B 171 -22.57 -3.78 0.33
C ALA B 171 -22.62 -5.13 -0.40
N THR B 172 -23.74 -5.82 -0.27
CA THR B 172 -23.90 -7.15 -0.88
C THR B 172 -24.34 -7.04 -2.34
N PRO B 173 -23.61 -7.65 -3.28
CA PRO B 173 -23.99 -7.52 -4.70
C PRO B 173 -25.22 -8.34 -5.06
N HIS B 174 -26.40 -7.98 -4.53
CA HIS B 174 -27.59 -8.78 -4.76
C HIS B 174 -27.88 -8.97 -6.25
N ASN B 175 -27.45 -8.03 -7.09
CA ASN B 175 -27.65 -8.12 -8.53
C ASN B 175 -26.35 -8.30 -9.30
N GLY B 176 -25.27 -8.69 -8.62
CA GLY B 176 -24.02 -8.97 -9.29
C GLY B 176 -23.20 -7.71 -9.45
N SER B 177 -22.06 -7.86 -10.12
CA SER B 177 -21.23 -6.69 -10.38
C SER B 177 -20.47 -6.87 -11.68
N GLN B 178 -20.38 -5.78 -12.46
CA GLN B 178 -19.59 -5.83 -13.68
C GLN B 178 -18.13 -6.13 -13.38
N ALA B 179 -17.64 -5.88 -12.17
CA ALA B 179 -16.28 -6.23 -11.85
C ALA B 179 -16.06 -7.75 -11.91
N ALA B 180 -17.12 -8.54 -11.73
CA ALA B 180 -17.03 -9.98 -11.96
C ALA B 180 -17.13 -10.32 -13.45
N ASP B 181 -18.16 -9.80 -14.14
CA ASP B 181 -18.36 -10.10 -15.55
C ASP B 181 -17.11 -9.80 -16.38
N LYS B 182 -16.52 -8.62 -16.19
CA LYS B 182 -15.47 -8.14 -17.07
C LYS B 182 -14.08 -8.36 -16.51
N PHE B 183 -13.95 -8.85 -15.29
CA PHE B 183 -12.62 -9.09 -14.74
C PHE B 183 -12.51 -10.40 -13.95
N GLY B 184 -13.24 -10.53 -12.85
CA GLY B 184 -13.00 -11.62 -11.92
C GLY B 184 -13.41 -12.99 -12.43
N ASN B 185 -14.43 -13.05 -13.30
CA ASN B 185 -14.87 -14.31 -13.89
C ASN B 185 -14.21 -14.63 -15.22
N THR B 186 -13.29 -13.80 -15.70
CA THR B 186 -12.66 -14.10 -16.98
C THR B 186 -11.72 -15.30 -16.83
N GLU B 187 -11.45 -15.98 -17.95
CA GLU B 187 -10.58 -17.15 -17.95
C GLU B 187 -9.26 -16.85 -17.25
N ALA B 188 -8.54 -15.84 -17.73
CA ALA B 188 -7.19 -15.62 -17.23
C ALA B 188 -7.18 -15.39 -15.73
N VAL B 189 -8.19 -14.69 -15.22
CA VAL B 189 -8.24 -14.33 -13.81
C VAL B 189 -8.66 -15.53 -12.95
N ARG B 190 -9.61 -16.33 -13.44
CA ARG B 190 -9.96 -17.55 -12.72
C ARG B 190 -8.78 -18.50 -12.64
N LYS B 191 -7.97 -18.58 -13.70
CA LYS B 191 -6.78 -19.42 -13.65
C LYS B 191 -5.81 -18.95 -12.57
N ILE B 192 -5.71 -17.62 -12.38
CA ILE B 192 -4.87 -17.07 -11.33
C ILE B 192 -5.41 -17.44 -9.95
N MET B 193 -6.72 -17.28 -9.74
CA MET B 193 -7.35 -17.64 -8.47
C MET B 193 -7.13 -19.12 -8.14
N PHE B 194 -7.33 -19.99 -9.13
CA PHE B 194 -7.22 -21.41 -8.87
C PHE B 194 -5.76 -21.84 -8.69
N ALA B 195 -4.84 -21.22 -9.42
CA ALA B 195 -3.41 -21.46 -9.17
C ALA B 195 -3.04 -21.07 -7.76
N LEU B 196 -3.60 -19.97 -7.24
CA LEU B 196 -3.37 -19.62 -5.84
C LEU B 196 -3.91 -20.70 -4.91
N ASN B 197 -5.10 -21.22 -5.21
CA ASN B 197 -5.67 -22.27 -4.39
C ASN B 197 -4.83 -23.55 -4.43
N ARG B 198 -4.38 -23.93 -5.63
CA ARG B 198 -3.50 -25.08 -5.74
C ARG B 198 -2.27 -24.88 -4.86
N PHE B 199 -1.62 -23.73 -4.98
CA PHE B 199 -0.42 -23.50 -4.19
C PHE B 199 -0.72 -23.50 -2.70
N MET B 200 -1.83 -22.89 -2.28
CA MET B 200 -2.19 -22.89 -0.86
C MET B 200 -2.71 -24.25 -0.41
N GLY B 201 -2.87 -25.20 -1.32
CA GLY B 201 -3.12 -26.57 -0.94
C GLY B 201 -1.88 -27.37 -0.58
N ASN B 202 -0.70 -26.79 -0.76
CA ASN B 202 0.50 -27.59 -0.62
C ASN B 202 0.64 -28.12 0.80
N LYS B 203 1.50 -29.13 0.96
CA LYS B 203 1.57 -29.84 2.24
C LYS B 203 2.19 -29.02 3.36
N TYR B 204 2.79 -27.88 3.07
CA TYR B 204 3.26 -27.04 4.15
C TYR B 204 2.25 -25.98 4.58
N SER B 205 1.12 -25.85 3.87
CA SER B 205 0.23 -24.72 4.06
C SER B 205 -0.75 -24.93 5.21
N ASN B 206 -0.92 -23.88 6.01
CA ASN B 206 -1.77 -23.87 7.19
C ASN B 206 -3.10 -23.16 6.96
N ILE B 207 -3.32 -22.55 5.80
CA ILE B 207 -4.52 -21.76 5.59
C ILE B 207 -5.36 -22.38 4.48
N ASP B 208 -6.66 -22.39 4.70
CA ASP B 208 -7.65 -23.02 3.82
C ASP B 208 -8.36 -21.93 3.02
N LEU B 209 -8.08 -21.87 1.72
CA LEU B 209 -8.68 -20.91 0.81
C LEU B 209 -10.06 -21.34 0.30
N GLY B 210 -10.48 -22.57 0.58
CA GLY B 210 -11.88 -22.94 0.43
C GLY B 210 -12.27 -23.77 -0.77
N LEU B 211 -11.30 -24.30 -1.54
CA LEU B 211 -11.62 -25.12 -2.69
C LEU B 211 -11.02 -26.53 -2.59
N THR B 212 -10.75 -27.02 -1.37
CA THR B 212 -10.13 -28.34 -1.28
C THR B 212 -11.10 -29.45 -1.68
N GLN B 213 -12.40 -29.22 -1.62
CA GLN B 213 -13.33 -30.23 -2.14
C GLN B 213 -13.12 -30.47 -3.64
N TRP B 214 -12.42 -29.56 -4.33
CA TRP B 214 -12.08 -29.76 -5.73
C TRP B 214 -10.80 -30.55 -5.94
N GLY B 215 -10.12 -30.96 -4.87
CA GLY B 215 -8.86 -31.67 -4.96
C GLY B 215 -7.62 -30.88 -4.61
N PHE B 216 -7.76 -29.59 -4.27
CA PHE B 216 -6.61 -28.71 -4.02
C PHE B 216 -6.06 -28.89 -2.60
N LYS B 217 -5.70 -30.11 -2.27
CA LYS B 217 -4.97 -30.44 -1.04
C LYS B 217 -3.90 -31.46 -1.42
N GLN B 218 -2.63 -31.06 -1.39
CA GLN B 218 -1.53 -31.99 -1.65
C GLN B 218 -1.41 -33.00 -0.51
N LEU B 219 -1.26 -34.32 -0.86
CA LEU B 219 -1.06 -35.37 0.13
C LEU B 219 0.39 -35.38 0.60
N PRO B 220 0.65 -35.81 1.84
CA PRO B 220 1.96 -35.53 2.45
C PRO B 220 3.15 -36.15 1.73
N ASN B 221 2.97 -37.31 1.08
CA ASN B 221 4.02 -37.95 0.29
C ASN B 221 3.65 -37.95 -1.19
N GLU B 222 3.13 -36.83 -1.67
CA GLU B 222 2.86 -36.61 -3.08
C GLU B 222 3.77 -35.47 -3.51
N SER B 223 4.52 -35.67 -4.59
CA SER B 223 5.36 -34.58 -5.07
C SER B 223 4.49 -33.47 -5.63
N TYR B 224 5.01 -32.25 -5.63
CA TYR B 224 4.25 -31.18 -6.25
C TYR B 224 3.99 -31.47 -7.72
N ILE B 225 4.92 -32.17 -8.38
CA ILE B 225 4.77 -32.47 -9.79
C ILE B 225 3.54 -33.34 -10.02
N ASP B 226 3.35 -34.36 -9.19
CA ASP B 226 2.14 -35.17 -9.32
C ASP B 226 0.91 -34.42 -8.84
N TYR B 227 1.08 -33.55 -7.85
CA TYR B 227 -0.02 -32.70 -7.39
C TYR B 227 -0.53 -31.83 -8.53
N ILE B 228 0.37 -31.12 -9.23
CA ILE B 228 -0.03 -30.36 -10.41
C ILE B 228 -0.80 -31.26 -11.38
N LYS B 229 -0.21 -32.41 -11.72
CA LYS B 229 -0.82 -33.32 -12.68
C LYS B 229 -2.20 -33.79 -12.20
N ARG B 230 -2.33 -34.08 -10.91
CA ARG B 230 -3.62 -34.57 -10.43
C ARG B 230 -4.69 -33.49 -10.49
N VAL B 231 -4.40 -32.29 -10.01
CA VAL B 231 -5.47 -31.31 -9.89
C VAL B 231 -5.76 -30.62 -11.21
N SER B 232 -4.86 -30.72 -12.19
CA SER B 232 -5.14 -30.19 -13.52
C SER B 232 -6.29 -30.91 -14.19
N LYS B 233 -6.72 -32.06 -13.65
CA LYS B 233 -7.85 -32.81 -14.17
C LYS B 233 -9.15 -32.48 -13.45
N SER B 234 -9.10 -31.65 -12.41
CA SER B 234 -10.29 -31.26 -11.67
C SER B 234 -11.24 -30.46 -12.55
N LYS B 235 -12.54 -30.56 -12.25
CA LYS B 235 -13.51 -29.83 -13.03
C LYS B 235 -13.62 -28.35 -12.65
N ILE B 236 -12.87 -27.90 -11.63
CA ILE B 236 -12.99 -26.51 -11.17
C ILE B 236 -12.59 -25.54 -12.29
N TRP B 237 -11.61 -25.91 -13.10
CA TRP B 237 -11.06 -24.98 -14.08
C TRP B 237 -12.12 -24.52 -15.07
N THR B 238 -13.11 -25.38 -15.34
CA THR B 238 -14.20 -25.05 -16.24
C THR B 238 -15.55 -24.87 -15.56
N SER B 239 -15.63 -25.00 -14.24
CA SER B 239 -16.94 -25.01 -13.57
C SER B 239 -17.47 -23.60 -13.33
N ASP B 240 -18.81 -23.49 -13.26
CA ASP B 240 -19.51 -22.34 -12.69
C ASP B 240 -19.78 -22.46 -11.19
N ASP B 241 -19.44 -23.58 -10.56
CA ASP B 241 -19.59 -23.73 -9.10
C ASP B 241 -18.42 -23.07 -8.36
N ASN B 242 -18.25 -21.78 -8.60
CA ASN B 242 -17.20 -21.00 -7.97
C ASN B 242 -17.73 -19.61 -7.68
N ALA B 243 -17.01 -18.86 -6.83
CA ALA B 243 -17.51 -17.55 -6.41
C ALA B 243 -17.52 -16.55 -7.57
N ALA B 244 -16.46 -16.55 -8.39
CA ALA B 244 -16.37 -15.60 -9.49
C ALA B 244 -17.59 -15.65 -10.40
N TYR B 245 -18.13 -16.85 -10.65
CA TYR B 245 -19.35 -16.93 -11.45
C TYR B 245 -20.55 -16.35 -10.71
N ASP B 246 -20.71 -16.71 -9.42
CA ASP B 246 -21.88 -16.26 -8.68
C ASP B 246 -21.94 -14.75 -8.53
N LEU B 247 -20.79 -14.06 -8.57
CA LEU B 247 -20.77 -12.61 -8.43
C LEU B 247 -21.05 -11.89 -9.75
N THR B 248 -21.08 -12.60 -10.87
CA THR B 248 -21.48 -12.01 -12.15
C THR B 248 -22.95 -11.60 -12.11
N LEU B 249 -23.37 -10.81 -13.11
CA LEU B 249 -24.77 -10.39 -13.16
C LEU B 249 -25.66 -11.60 -13.35
N ASP B 250 -25.29 -12.48 -14.30
CA ASP B 250 -26.05 -13.71 -14.48
C ASP B 250 -26.00 -14.58 -13.24
N GLY B 251 -24.82 -14.73 -12.64
CA GLY B 251 -24.69 -15.56 -11.46
C GLY B 251 -25.63 -15.14 -10.35
N SER B 252 -25.69 -13.84 -10.07
CA SER B 252 -26.54 -13.35 -9.00
C SER B 252 -28.01 -13.41 -9.37
N ALA B 253 -28.35 -13.27 -10.65
CA ALA B 253 -29.75 -13.38 -11.04
C ALA B 253 -30.26 -14.80 -10.89
N LYS B 254 -29.39 -15.82 -11.06
CA LYS B 254 -29.79 -17.19 -10.75
C LYS B 254 -30.21 -17.31 -9.29
N LEU B 255 -29.43 -16.70 -8.39
CA LEU B 255 -29.77 -16.75 -6.97
C LEU B 255 -31.05 -15.95 -6.67
N ASN B 256 -31.22 -14.78 -7.28
CA ASN B 256 -32.45 -14.04 -7.07
C ASN B 256 -33.66 -14.85 -7.51
N ASN B 257 -33.50 -15.61 -8.59
CA ASN B 257 -34.62 -16.34 -9.19
C ASN B 257 -34.97 -17.61 -8.46
N MET B 258 -34.16 -18.04 -7.48
CA MET B 258 -34.44 -19.23 -6.70
C MET B 258 -34.58 -18.94 -5.20
N THR B 259 -34.64 -17.68 -4.81
CA THR B 259 -34.86 -17.34 -3.42
C THR B 259 -36.17 -16.57 -3.28
N SER B 260 -36.70 -16.52 -2.06
CA SER B 260 -37.96 -15.83 -1.82
C SER B 260 -37.93 -15.20 -0.44
N MET B 261 -38.87 -14.30 -0.19
CA MET B 261 -38.95 -13.67 1.12
C MET B 261 -39.65 -14.57 2.11
N ASN B 262 -39.03 -14.73 3.28
CA ASN B 262 -39.65 -15.39 4.42
C ASN B 262 -40.43 -14.34 5.21
N PRO B 263 -41.78 -14.40 5.25
CA PRO B 263 -42.54 -13.39 5.98
C PRO B 263 -42.13 -13.15 7.42
N ASN B 264 -41.45 -14.10 8.07
CA ASN B 264 -41.06 -13.91 9.47
C ASN B 264 -39.69 -13.31 9.68
N ILE B 265 -38.83 -13.27 8.67
CA ILE B 265 -37.51 -12.68 8.89
C ILE B 265 -37.56 -11.18 8.66
N THR B 266 -36.66 -10.46 9.34
CA THR B 266 -36.44 -9.04 9.14
C THR B 266 -35.24 -8.84 8.23
N TYR B 267 -35.43 -8.09 7.14
CA TYR B 267 -34.44 -7.91 6.10
C TYR B 267 -33.98 -6.45 6.05
N THR B 268 -32.66 -6.25 5.99
CA THR B 268 -32.07 -4.91 5.90
C THR B 268 -30.87 -4.94 4.97
N THR B 269 -30.71 -3.89 4.17
CA THR B 269 -29.52 -3.71 3.33
C THR B 269 -28.84 -2.38 3.65
N TYR B 270 -27.53 -2.37 3.50
CA TYR B 270 -26.71 -1.17 3.61
C TYR B 270 -25.88 -1.05 2.34
N THR B 271 -25.62 0.18 1.93
CA THR B 271 -24.97 0.44 0.67
C THR B 271 -24.03 1.61 0.87
N GLY B 272 -22.86 1.54 0.26
CA GLY B 272 -21.96 2.67 0.21
C GLY B 272 -21.86 3.17 -1.21
N VAL B 273 -21.60 4.46 -1.37
CA VAL B 273 -21.18 5.01 -2.65
C VAL B 273 -19.82 5.67 -2.44
N SER B 274 -18.88 5.37 -3.35
CA SER B 274 -17.52 5.88 -3.25
C SER B 274 -17.05 6.49 -4.57
N SER B 275 -17.95 6.69 -5.53
CA SER B 275 -17.58 7.31 -6.80
C SER B 275 -18.16 8.72 -6.92
N HIS B 276 -17.62 9.46 -7.89
CA HIS B 276 -18.05 10.81 -8.19
C HIS B 276 -18.24 10.94 -9.70
N THR B 277 -19.19 11.78 -10.10
CA THR B 277 -19.57 11.89 -11.49
C THR B 277 -18.59 12.77 -12.25
N GLY B 278 -18.08 12.27 -13.36
CA GLY B 278 -17.24 13.06 -14.24
C GLY B 278 -18.08 13.88 -15.19
N PRO B 279 -17.40 14.73 -15.97
CA PRO B 279 -18.13 15.71 -16.81
C PRO B 279 -18.93 15.09 -17.94
N LEU B 280 -18.83 13.77 -18.15
CA LEU B 280 -19.53 13.05 -19.20
C LEU B 280 -20.65 12.17 -18.68
N GLY B 281 -20.78 12.02 -17.37
CA GLY B 281 -21.77 11.15 -16.76
C GLY B 281 -21.20 9.89 -16.17
N TYR B 282 -19.97 9.52 -16.53
CA TYR B 282 -19.36 8.32 -15.99
C TYR B 282 -18.92 8.57 -14.54
N GLU B 283 -18.63 7.49 -13.83
CA GLU B 283 -18.22 7.56 -12.43
C GLU B 283 -16.78 7.11 -12.29
N ASN B 284 -16.01 7.85 -11.50
CA ASN B 284 -14.63 7.55 -11.17
C ASN B 284 -14.48 7.37 -9.68
N PRO B 285 -13.58 6.51 -9.22
CA PRO B 285 -13.40 6.33 -7.78
C PRO B 285 -13.00 7.63 -7.11
N ASP B 286 -13.58 7.88 -5.94
CA ASP B 286 -13.10 8.96 -5.08
C ASP B 286 -11.68 8.65 -4.63
N LEU B 287 -10.96 9.69 -4.24
CA LEU B 287 -9.72 9.45 -3.52
C LEU B 287 -10.09 8.87 -2.16
N GLY B 288 -9.28 7.94 -1.67
CA GLY B 288 -9.66 7.22 -0.46
C GLY B 288 -10.51 6.00 -0.72
N THR B 289 -11.05 5.84 -1.92
CA THR B 289 -11.47 4.53 -2.36
C THR B 289 -10.26 3.63 -2.29
N PHE B 290 -10.37 2.53 -1.55
CA PHE B 290 -9.25 1.63 -1.34
C PHE B 290 -8.57 1.33 -2.68
N PHE B 291 -7.25 1.51 -2.72
CA PHE B 291 -6.53 1.58 -3.99
C PHE B 291 -6.65 0.31 -4.81
N LEU B 292 -6.88 -0.85 -4.17
CA LEU B 292 -7.00 -2.09 -4.93
C LEU B 292 -8.30 -2.17 -5.72
N MET B 293 -9.29 -1.34 -5.43
CA MET B 293 -10.48 -1.31 -6.26
C MET B 293 -10.52 -0.11 -7.20
N ALA B 294 -9.40 0.56 -7.41
CA ALA B 294 -9.43 1.75 -8.26
C ALA B 294 -9.84 1.39 -9.68
N THR B 295 -9.30 0.30 -10.22
CA THR B 295 -9.61 -0.11 -11.58
C THR B 295 -11.01 -0.74 -11.71
N THR B 296 -11.39 -1.65 -10.80
CA THR B 296 -12.75 -2.20 -10.87
C THR B 296 -13.79 -1.09 -10.75
N SER B 297 -13.52 -0.09 -9.91
CA SER B 297 -14.43 1.05 -9.76
C SER B 297 -14.65 1.74 -11.11
N ARG B 298 -13.57 1.92 -11.88
CA ARG B 298 -13.69 2.58 -13.19
C ARG B 298 -14.41 1.69 -14.21
N ILE B 299 -14.23 0.37 -14.12
CA ILE B 299 -14.95 -0.53 -15.02
C ILE B 299 -16.45 -0.42 -14.77
N ILE B 300 -16.85 -0.45 -13.49
CA ILE B 300 -18.26 -0.28 -13.14
C ILE B 300 -18.76 1.10 -13.54
N GLY B 301 -17.95 2.12 -13.23
CA GLY B 301 -18.36 3.50 -13.43
C GLY B 301 -18.46 3.92 -14.88
N HIS B 302 -17.89 3.14 -15.80
CA HIS B 302 -17.98 3.46 -17.21
C HIS B 302 -18.97 2.56 -17.95
N ASP B 303 -19.85 1.89 -17.23
CA ASP B 303 -20.88 1.07 -17.84
C ASP B 303 -21.67 1.87 -18.87
N ALA B 304 -22.26 1.17 -19.83
CA ALA B 304 -23.06 1.87 -20.82
C ALA B 304 -24.43 2.27 -20.27
N ARG B 305 -24.91 1.59 -19.23
CA ARG B 305 -26.14 2.00 -18.53
C ARG B 305 -25.78 2.91 -17.37
N GLU B 306 -26.43 4.09 -17.34
CA GLU B 306 -26.08 5.11 -16.34
C GLU B 306 -26.38 4.63 -14.93
N GLU B 307 -27.51 3.96 -14.74
CA GLU B 307 -27.94 3.54 -13.39
C GLU B 307 -27.10 2.41 -12.82
N TRP B 308 -26.08 1.96 -13.55
CA TRP B 308 -25.21 0.89 -13.11
C TRP B 308 -23.81 1.38 -12.78
N ARG B 309 -23.63 2.70 -12.72
CA ARG B 309 -22.30 3.31 -12.64
C ARG B 309 -21.87 3.68 -11.23
N LYS B 310 -22.72 4.36 -10.46
CA LYS B 310 -22.38 4.72 -9.10
C LYS B 310 -22.06 3.45 -8.32
N ASN B 311 -20.94 3.44 -7.59
CA ASN B 311 -20.44 2.20 -7.02
C ASN B 311 -19.61 2.49 -5.77
N ASP B 312 -19.33 1.42 -5.01
CA ASP B 312 -18.50 1.45 -3.81
C ASP B 312 -17.07 0.93 -4.07
N GLY B 313 -16.65 0.85 -5.33
CA GLY B 313 -15.37 0.26 -5.63
C GLY B 313 -15.52 -1.05 -6.37
N VAL B 314 -16.39 -1.97 -5.91
CA VAL B 314 -16.57 -3.23 -6.63
C VAL B 314 -18.04 -3.62 -6.81
N VAL B 315 -18.96 -2.94 -6.14
CA VAL B 315 -20.38 -3.26 -6.26
C VAL B 315 -21.12 -2.00 -6.70
N PRO B 316 -21.85 -2.03 -7.81
CA PRO B 316 -22.68 -0.88 -8.18
C PRO B 316 -23.81 -0.71 -7.17
N VAL B 317 -24.19 0.56 -6.98
CA VAL B 317 -25.23 0.89 -6.02
C VAL B 317 -26.55 0.20 -6.38
N ILE B 318 -26.85 0.08 -7.68
CA ILE B 318 -28.12 -0.57 -8.05
C ILE B 318 -28.11 -2.04 -7.64
N SER B 319 -26.92 -2.63 -7.44
CA SER B 319 -26.86 -4.02 -7.02
C SER B 319 -26.97 -4.17 -5.50
N SER B 320 -26.40 -3.23 -4.75
CA SER B 320 -26.33 -3.37 -3.30
C SER B 320 -27.67 -3.09 -2.60
N LEU B 321 -28.55 -2.28 -3.20
CA LEU B 321 -29.73 -1.81 -2.48
C LEU B 321 -30.68 -2.94 -2.13
N HIS B 322 -30.93 -3.85 -3.08
CA HIS B 322 -31.83 -4.98 -2.86
C HIS B 322 -31.85 -5.88 -4.11
N PRO B 323 -32.20 -7.15 -3.97
CA PRO B 323 -32.45 -7.96 -5.18
C PRO B 323 -33.54 -7.29 -6.01
N SER B 324 -33.38 -7.36 -7.33
CA SER B 324 -34.24 -6.61 -8.24
C SER B 324 -35.61 -7.24 -8.43
N ASN B 325 -35.86 -8.43 -7.90
CA ASN B 325 -37.15 -9.10 -8.09
C ASN B 325 -37.85 -9.43 -6.76
N GLN B 326 -37.37 -8.88 -5.67
CA GLN B 326 -38.00 -9.08 -4.37
C GLN B 326 -38.46 -7.70 -3.88
N PRO B 327 -39.53 -7.61 -3.10
CA PRO B 327 -40.06 -6.28 -2.76
C PRO B 327 -39.18 -5.58 -1.77
N PHE B 328 -39.27 -4.25 -1.76
CA PHE B 328 -38.39 -3.44 -0.93
C PHE B 328 -39.11 -2.16 -0.49
N VAL B 329 -38.55 -1.52 0.53
CA VAL B 329 -39.03 -0.23 1.02
C VAL B 329 -37.84 0.57 1.51
N ASN B 330 -37.70 1.81 1.02
CA ASN B 330 -36.64 2.64 1.55
C ASN B 330 -36.98 3.04 2.98
N VAL B 331 -35.95 3.31 3.77
CA VAL B 331 -36.11 3.57 5.19
C VAL B 331 -35.12 4.66 5.57
N THR B 332 -35.51 5.53 6.52
CA THR B 332 -34.56 6.53 6.99
C THR B 332 -33.62 5.91 8.01
N ASN B 333 -32.62 6.67 8.47
CA ASN B 333 -31.66 6.08 9.39
C ASN B 333 -32.20 5.93 10.80
N ASP B 334 -33.24 6.67 11.16
CA ASP B 334 -33.85 6.59 12.48
C ASP B 334 -35.17 5.84 12.47
N GLU B 335 -35.70 5.54 11.30
CA GLU B 335 -36.94 4.77 11.21
C GLU B 335 -36.72 3.36 11.74
N PRO B 336 -37.53 2.89 12.70
CA PRO B 336 -37.43 1.50 13.15
C PRO B 336 -37.45 0.53 11.98
N ALA B 337 -36.41 -0.28 11.84
CA ALA B 337 -36.36 -1.26 10.74
C ALA B 337 -36.84 -2.63 11.21
N THR B 338 -38.05 -2.69 11.74
CA THR B 338 -38.60 -3.91 12.34
C THR B 338 -39.68 -4.56 11.48
N ARG B 339 -39.85 -4.10 10.24
CA ARG B 339 -40.79 -4.74 9.33
C ARG B 339 -40.26 -6.11 8.91
N ARG B 340 -41.15 -7.05 8.70
CA ARG B 340 -40.75 -8.37 8.29
C ARG B 340 -41.20 -8.62 6.86
N GLY B 341 -40.46 -9.51 6.18
CA GLY B 341 -40.82 -9.97 4.85
C GLY B 341 -40.54 -9.01 3.72
N ILE B 342 -39.75 -7.95 3.94
CA ILE B 342 -39.52 -6.97 2.90
C ILE B 342 -38.14 -6.37 3.13
N TRP B 343 -37.43 -6.08 2.04
CA TRP B 343 -36.08 -5.55 2.12
C TRP B 343 -36.17 -4.07 2.48
N GLN B 344 -35.65 -3.70 3.64
CA GLN B 344 -35.61 -2.30 4.06
C GLN B 344 -34.26 -1.73 3.63
N VAL B 345 -34.30 -0.77 2.73
CA VAL B 345 -33.10 -0.24 2.07
C VAL B 345 -32.64 0.99 2.84
N LYS B 346 -31.57 0.83 3.61
CA LYS B 346 -31.04 1.93 4.45
C LYS B 346 -30.44 3.02 3.56
N PRO B 347 -30.35 4.26 4.05
CA PRO B 347 -29.86 5.35 3.23
C PRO B 347 -28.39 5.14 2.82
N ILE B 348 -28.10 5.32 1.52
CA ILE B 348 -26.73 5.08 0.99
C ILE B 348 -25.73 5.90 1.80
N ILE B 349 -24.69 5.25 2.32
CA ILE B 349 -23.67 5.95 3.13
C ILE B 349 -22.68 6.60 2.17
N GLN B 350 -22.67 7.93 2.13
CA GLN B 350 -21.80 8.64 1.20
C GLN B 350 -20.36 8.63 1.70
N GLY B 351 -19.45 8.23 0.81
CA GLY B 351 -18.03 8.23 1.11
C GLY B 351 -17.45 6.91 1.57
N TRP B 352 -18.29 5.91 1.81
CA TRP B 352 -17.84 4.57 2.21
C TRP B 352 -17.64 3.70 0.97
N ASP B 353 -16.41 3.17 0.80
CA ASP B 353 -16.21 2.17 -0.23
C ASP B 353 -16.51 0.78 0.33
N HIS B 354 -16.37 -0.22 -0.53
CA HIS B 354 -16.77 -1.59 -0.21
C HIS B 354 -16.15 -2.10 1.09
N VAL B 355 -14.89 -1.75 1.36
CA VAL B 355 -14.22 -2.27 2.55
C VAL B 355 -14.23 -1.30 3.73
N ASP B 356 -14.72 -0.07 3.56
CA ASP B 356 -14.92 0.78 4.73
C ASP B 356 -15.98 0.19 5.67
N PHE B 357 -16.90 -0.61 5.12
CA PHE B 357 -17.87 -1.34 5.92
C PHE B 357 -17.23 -2.28 6.94
N ILE B 358 -16.00 -2.77 6.68
CA ILE B 358 -15.33 -3.69 7.59
C ILE B 358 -14.01 -3.13 8.11
N GLY B 359 -13.69 -1.87 7.82
CA GLY B 359 -12.61 -1.17 8.49
C GLY B 359 -11.20 -1.51 8.07
N VAL B 360 -11.02 -2.27 6.97
CA VAL B 360 -9.68 -2.75 6.60
C VAL B 360 -8.94 -1.78 5.69
N ASP B 361 -9.56 -0.67 5.32
CA ASP B 361 -8.91 0.35 4.48
C ASP B 361 -8.00 1.21 5.36
N PHE B 362 -6.86 0.64 5.76
CA PHE B 362 -5.92 1.34 6.63
C PHE B 362 -5.31 2.59 6.00
N LEU B 363 -5.60 2.87 4.73
CA LEU B 363 -5.07 4.03 4.04
C LEU B 363 -6.04 5.20 4.00
N ASP B 364 -7.25 5.03 4.53
CA ASP B 364 -8.29 6.04 4.49
C ASP B 364 -8.44 6.66 5.88
N PHE B 365 -7.78 7.79 6.11
CA PHE B 365 -7.80 8.38 7.43
C PHE B 365 -9.05 9.21 7.69
N LYS B 366 -9.94 9.31 6.70
CA LYS B 366 -11.28 9.86 6.91
C LYS B 366 -12.21 8.88 7.61
N ARG B 367 -11.96 7.57 7.53
CA ARG B 367 -12.83 6.57 8.13
C ARG B 367 -12.17 6.09 9.41
N LYS B 368 -12.65 6.57 10.55
CA LYS B 368 -12.02 6.32 11.83
C LYS B 368 -12.78 5.25 12.60
N GLY B 369 -12.20 4.82 13.72
CA GLY B 369 -12.78 3.75 14.49
C GLY B 369 -14.12 4.12 15.09
N ALA B 370 -14.18 5.26 15.79
CA ALA B 370 -15.43 5.68 16.43
C ALA B 370 -16.61 5.60 15.46
N GLU B 371 -16.40 6.02 14.20
CA GLU B 371 -17.46 5.94 13.21
C GLU B 371 -17.90 4.50 12.98
N LEU B 372 -16.95 3.56 12.92
CA LEU B 372 -17.31 2.17 12.67
C LEU B 372 -17.96 1.52 13.89
N ALA B 373 -17.50 1.89 15.09
CA ALA B 373 -18.15 1.39 16.30
C ALA B 373 -19.61 1.79 16.37
N ASN B 374 -19.93 3.04 15.97
CA ASN B 374 -21.31 3.47 15.96
C ASN B 374 -22.15 2.71 14.94
N PHE B 375 -21.56 2.44 13.76
CA PHE B 375 -22.24 1.67 12.74
C PHE B 375 -22.61 0.28 13.24
N TYR B 376 -21.64 -0.45 13.81
CA TYR B 376 -21.91 -1.81 14.31
C TYR B 376 -22.79 -1.77 15.56
N THR B 377 -22.71 -0.72 16.38
CA THR B 377 -23.63 -0.55 17.48
C THR B 377 -25.05 -0.26 16.97
N GLY B 378 -25.15 0.43 15.83
CA GLY B 378 -26.46 0.64 15.24
C GLY B 378 -27.09 -0.64 14.72
N ILE B 379 -26.26 -1.52 14.15
CA ILE B 379 -26.80 -2.80 13.66
C ILE B 379 -27.27 -3.64 14.82
N ILE B 380 -26.45 -3.77 15.87
CA ILE B 380 -26.84 -4.53 17.05
C ILE B 380 -28.12 -3.98 17.66
N ASN B 381 -28.24 -2.65 17.73
CA ASN B 381 -29.45 -2.05 18.29
C ASN B 381 -30.69 -2.44 17.48
N ASP B 382 -30.59 -2.33 16.15
CA ASP B 382 -31.70 -2.75 15.30
C ASP B 382 -32.09 -4.21 15.57
N LEU B 383 -31.08 -5.08 15.66
CA LEU B 383 -31.33 -6.49 15.94
C LEU B 383 -32.01 -6.68 17.28
N LEU B 384 -31.58 -5.94 18.31
CA LEU B 384 -32.24 -6.02 19.61
C LEU B 384 -33.70 -5.59 19.53
N ARG B 385 -34.03 -4.68 18.61
CA ARG B 385 -35.43 -4.28 18.44
C ARG B 385 -36.23 -5.35 17.72
N VAL B 386 -35.57 -6.11 16.82
CA VAL B 386 -36.24 -7.27 16.22
C VAL B 386 -36.62 -8.27 17.30
N GLU B 387 -35.70 -8.49 18.26
CA GLU B 387 -35.94 -9.47 19.32
C GLU B 387 -37.14 -9.08 20.17
N ALA B 388 -37.30 -7.78 20.47
CA ALA B 388 -38.34 -7.31 21.37
C ALA B 388 -39.72 -7.20 20.71
N THR B 389 -39.78 -7.14 19.39
CA THR B 389 -41.05 -6.98 18.67
C THR B 389 -41.43 -8.32 18.06
N GLU B 390 -42.04 -9.18 18.88
CA GLU B 390 -42.24 -10.57 18.47
C GLU B 390 -43.32 -11.25 19.29
ZN ZN C . 32.77 8.05 5.77
P PO4 D . 24.12 5.82 -17.26
O1 PO4 D . 23.29 4.67 -17.84
O2 PO4 D . 24.12 5.78 -15.75
O3 PO4 D . 25.54 5.74 -17.80
O4 PO4 D . 23.50 7.11 -17.72
CA CA E . 1.06 12.54 -2.32
ZN ZN F . -20.26 -27.19 -4.95
P PO4 G . -16.24 -19.15 17.68
O1 PO4 G . -16.84 -20.39 18.31
O2 PO4 G . -14.99 -18.77 18.46
O3 PO4 G . -15.93 -19.41 16.22
O4 PO4 G . -17.22 -18.00 17.79
P PO4 H . -11.78 12.97 -11.81
O1 PO4 H . -10.89 11.93 -11.15
O2 PO4 H . -13.10 12.35 -12.19
O3 PO4 H . -11.09 13.48 -13.06
O4 PO4 H . -12.01 14.13 -10.88
CA CA I . -12.12 4.12 1.90
#